data_2PQI
#
_entry.id   2PQI
#
_cell.length_a   115.190
_cell.length_b   115.190
_cell.length_c   45.000
_cell.angle_alpha   90.00
_cell.angle_beta   90.00
_cell.angle_gamma   120.00
#
_symmetry.space_group_name_H-M   'P 32'
#
loop_
_entity.id
_entity.type
_entity.pdbx_description
1 polymer 'Ribosome-inactivating protein 3'
2 water water
#
_entity_poly.entity_id   1
_entity_poly.type   'polypeptide(L)'
_entity_poly.pdbx_seq_one_letter_code
;MKFTEIFPVEDANYPYSAFIASVRKDVIKHCTDHKGIFQPVLPPEKKVPELWLYTELKTRTSSITLAIRMDNLYLVGFRT
PGGVWWEFGKDGDTHLLGDNPRWLGFGGRYQDLIGNKGLETVTMGRAEMTRAVNDLAKKKKMLEPQADTKSKLVKLVVMV
CEGLRFNTVSRTVDAGFNSQHGVTLTVTQGKQVQKWDRISKAAFEWADHPTAVIPDMQKLGIKDKNEAARIVALVKNQTT
AAA
;
_entity_poly.pdbx_strand_id   A,B,C
#
# COMPACT_ATOMS: atom_id res chain seq x y z
N MET A 1 3.33 -29.60 26.27
CA MET A 1 3.65 -30.86 25.53
C MET A 1 2.53 -31.89 25.64
N LYS A 2 1.45 -31.63 24.95
CA LYS A 2 0.30 -32.54 24.94
C LYS A 2 0.03 -32.96 23.50
N PHE A 3 -0.25 -34.24 23.31
CA PHE A 3 -0.57 -34.75 21.98
C PHE A 3 -2.06 -34.76 21.88
N THR A 4 -2.63 -33.81 21.15
CA THR A 4 -4.05 -33.71 20.95
C THR A 4 -4.54 -35.01 20.34
N GLU A 5 -5.83 -35.31 20.41
CA GLU A 5 -6.26 -36.54 19.77
C GLU A 5 -6.33 -36.35 18.25
N ILE A 6 -6.20 -37.47 17.54
CA ILE A 6 -6.19 -37.49 16.09
C ILE A 6 -7.45 -36.92 15.47
N PHE A 7 -7.28 -36.22 14.33
CA PHE A 7 -8.42 -35.67 13.61
C PHE A 7 -8.53 -36.38 12.26
N PRO A 8 -9.55 -37.24 12.08
CA PRO A 8 -9.79 -37.99 10.83
C PRO A 8 -10.38 -37.03 9.80
N VAL A 9 -9.52 -36.30 9.10
CA VAL A 9 -9.96 -35.30 8.14
C VAL A 9 -11.06 -35.72 7.16
N GLU A 10 -10.82 -36.81 6.43
CA GLU A 10 -11.78 -37.28 5.44
C GLU A 10 -13.10 -37.82 6.03
N ASP A 11 -13.04 -38.36 7.24
CA ASP A 11 -14.20 -38.94 7.91
C ASP A 11 -15.27 -37.94 8.33
N ALA A 12 -16.28 -37.75 7.48
CA ALA A 12 -17.37 -36.81 7.74
C ALA A 12 -18.14 -37.06 9.04
N ASN A 13 -17.87 -38.18 9.70
CA ASN A 13 -18.56 -38.49 10.95
C ASN A 13 -17.95 -37.71 12.11
N TYR A 14 -16.70 -37.26 11.94
CA TYR A 14 -16.00 -36.52 12.99
C TYR A 14 -16.03 -35.01 12.66
N PRO A 15 -16.94 -34.26 13.27
CA PRO A 15 -17.03 -32.83 12.99
C PRO A 15 -15.84 -32.00 13.45
N TYR A 16 -15.63 -30.88 12.78
CA TYR A 16 -14.56 -29.94 13.07
C TYR A 16 -14.67 -29.32 14.47
N SER A 17 -15.90 -29.02 14.89
CA SER A 17 -16.14 -28.44 16.20
C SER A 17 -15.66 -29.32 17.36
N ALA A 18 -15.90 -30.62 17.24
CA ALA A 18 -15.50 -31.59 18.26
C ALA A 18 -13.98 -31.69 18.39
N PHE A 19 -13.28 -31.39 17.29
CA PHE A 19 -11.82 -31.38 17.27
C PHE A 19 -11.37 -30.12 18.01
N ILE A 20 -11.93 -28.99 17.62
CA ILE A 20 -11.61 -27.71 18.23
C ILE A 20 -11.85 -27.76 19.74
N ALA A 21 -13.06 -28.18 20.14
CA ALA A 21 -13.40 -28.24 21.55
C ALA A 21 -12.44 -29.17 22.29
N SER A 22 -12.11 -30.29 21.66
CA SER A 22 -11.19 -31.24 22.29
C SER A 22 -9.84 -30.60 22.54
N VAL A 23 -9.25 -30.04 21.49
CA VAL A 23 -7.94 -29.39 21.57
C VAL A 23 -7.91 -28.18 22.49
N ARG A 24 -9.04 -27.51 22.65
CA ARG A 24 -9.11 -26.37 23.57
C ARG A 24 -9.06 -26.87 25.00
N LYS A 25 -9.69 -28.01 25.24
CA LYS A 25 -9.70 -28.59 26.57
C LYS A 25 -8.28 -28.88 27.01
N ASP A 26 -7.46 -29.35 26.07
CA ASP A 26 -6.07 -29.69 26.34
C ASP A 26 -5.24 -28.45 26.66
N VAL A 27 -5.46 -27.40 25.87
CA VAL A 27 -4.75 -26.14 26.02
C VAL A 27 -5.12 -25.46 27.33
N ILE A 28 -6.42 -25.34 27.58
CA ILE A 28 -6.92 -24.70 28.80
C ILE A 28 -6.30 -25.30 30.06
N LYS A 29 -5.90 -26.57 30.00
CA LYS A 29 -5.29 -27.24 31.14
C LYS A 29 -3.99 -26.54 31.54
N HIS A 30 -3.44 -25.77 30.61
CA HIS A 30 -2.19 -25.07 30.86
C HIS A 30 -2.42 -23.57 30.91
N CYS A 31 -3.68 -23.19 31.06
CA CYS A 31 -4.03 -21.78 31.12
C CYS A 31 -4.28 -21.40 32.58
N THR A 32 -4.39 -20.10 32.83
CA THR A 32 -4.66 -19.62 34.18
C THR A 32 -5.88 -18.72 34.07
N ASP A 33 -6.53 -18.50 35.21
CA ASP A 33 -7.69 -17.63 35.26
C ASP A 33 -7.26 -16.29 35.81
N HIS A 34 -7.41 -15.24 35.02
CA HIS A 34 -7.08 -13.88 35.47
C HIS A 34 -8.36 -13.18 35.90
N LYS A 35 -8.29 -12.44 37.00
CA LYS A 35 -9.48 -11.73 37.48
C LYS A 35 -9.83 -10.67 36.44
N GLY A 36 -11.10 -10.61 36.03
CA GLY A 36 -11.53 -9.64 35.05
C GLY A 36 -11.44 -10.06 33.59
N ILE A 37 -11.03 -11.30 33.34
CA ILE A 37 -10.90 -11.80 31.98
C ILE A 37 -11.80 -13.02 31.77
N PHE A 38 -12.73 -12.93 30.81
CA PHE A 38 -13.62 -14.06 30.54
C PHE A 38 -12.87 -15.30 30.07
N GLN A 39 -12.05 -15.12 29.05
CA GLN A 39 -11.29 -16.20 28.46
C GLN A 39 -10.10 -16.68 29.26
N PRO A 40 -9.76 -17.96 29.10
CA PRO A 40 -8.60 -18.54 29.78
C PRO A 40 -7.29 -18.07 29.17
N VAL A 41 -6.40 -17.52 29.98
CA VAL A 41 -5.19 -16.86 29.48
C VAL A 41 -4.11 -17.91 29.21
N LEU A 42 -3.46 -17.82 28.06
CA LEU A 42 -2.43 -18.79 27.67
C LEU A 42 -1.10 -18.62 28.41
N PRO A 43 -0.26 -19.67 28.44
CA PRO A 43 1.03 -19.60 29.12
C PRO A 43 1.78 -18.37 28.62
N PRO A 44 2.57 -17.71 29.48
CA PRO A 44 3.29 -16.52 29.02
C PRO A 44 4.39 -16.85 28.01
N GLU A 45 4.61 -15.93 27.08
CA GLU A 45 5.59 -16.15 26.04
C GLU A 45 7.00 -16.31 26.55
N LYS A 46 7.78 -17.07 25.81
CA LYS A 46 9.18 -17.33 26.10
C LYS A 46 9.95 -17.35 24.78
N LYS A 47 11.23 -17.04 24.85
CA LYS A 47 12.08 -17.06 23.68
C LYS A 47 12.00 -18.51 23.16
N VAL A 48 12.23 -19.45 24.07
CA VAL A 48 12.21 -20.86 23.77
C VAL A 48 10.96 -21.39 24.45
N PRO A 49 9.91 -21.74 23.67
CA PRO A 49 8.65 -22.28 24.19
C PRO A 49 8.78 -23.58 24.97
N GLU A 50 8.07 -23.69 26.08
CA GLU A 50 8.14 -24.91 26.88
C GLU A 50 6.89 -25.77 26.74
N LEU A 51 5.77 -25.16 26.36
CA LEU A 51 4.53 -25.91 26.19
C LEU A 51 4.21 -26.02 24.71
N TRP A 52 3.94 -27.25 24.26
CA TRP A 52 3.64 -27.54 22.86
C TRP A 52 2.40 -28.34 22.62
N LEU A 53 1.75 -28.04 21.50
CA LEU A 53 0.56 -28.76 21.08
C LEU A 53 0.98 -29.57 19.84
N TYR A 54 0.86 -30.89 19.88
CA TYR A 54 1.20 -31.69 18.69
C TYR A 54 -0.09 -32.28 18.19
N THR A 55 -0.64 -31.65 17.14
CA THR A 55 -1.91 -32.09 16.57
C THR A 55 -1.79 -32.82 15.26
N GLU A 56 -2.16 -34.10 15.27
CA GLU A 56 -2.11 -34.89 14.06
C GLU A 56 -3.39 -34.84 13.24
N LEU A 57 -3.23 -34.54 11.96
CA LEU A 57 -4.32 -34.47 11.03
C LEU A 57 -4.08 -35.63 10.05
N LYS A 58 -5.01 -36.57 9.99
CA LYS A 58 -4.81 -37.70 9.10
C LYS A 58 -5.97 -37.94 8.16
N THR A 59 -5.65 -38.12 6.90
CA THR A 59 -6.66 -38.36 5.88
C THR A 59 -6.82 -39.87 5.74
N ARG A 60 -7.27 -40.32 4.59
CA ARG A 60 -7.44 -41.76 4.41
C ARG A 60 -6.17 -42.40 3.83
N THR A 61 -5.27 -41.55 3.33
CA THR A 61 -4.04 -42.03 2.72
C THR A 61 -2.75 -41.57 3.38
N SER A 62 -2.75 -40.40 4.00
CA SER A 62 -1.55 -39.91 4.66
C SER A 62 -1.89 -39.07 5.88
N SER A 63 -0.89 -38.39 6.43
CA SER A 63 -1.09 -37.53 7.59
C SER A 63 0.13 -36.69 7.89
N ILE A 64 -0.07 -35.69 8.74
CA ILE A 64 1.01 -34.81 9.18
C ILE A 64 0.74 -34.45 10.62
N THR A 65 1.78 -34.03 11.32
CA THR A 65 1.61 -33.62 12.71
C THR A 65 2.02 -32.16 12.82
N LEU A 66 1.12 -31.35 13.35
CA LEU A 66 1.38 -29.93 13.52
C LEU A 66 2.07 -29.70 14.85
N ALA A 67 3.07 -28.81 14.83
CA ALA A 67 3.83 -28.47 16.03
C ALA A 67 3.51 -27.04 16.48
N ILE A 68 2.49 -26.91 17.30
CA ILE A 68 1.95 -25.60 17.67
C ILE A 68 2.46 -25.22 19.06
N ARG A 69 3.02 -24.02 19.17
CA ARG A 69 3.48 -23.53 20.47
C ARG A 69 2.29 -22.90 21.21
N MET A 70 1.97 -23.47 22.37
CA MET A 70 0.76 -23.13 23.09
C MET A 70 0.72 -21.64 23.42
N ASP A 71 1.86 -21.09 23.80
CA ASP A 71 1.92 -19.82 24.53
C ASP A 71 1.49 -18.66 23.63
N ASN A 72 1.43 -18.91 22.33
CA ASN A 72 0.78 -17.99 21.39
C ASN A 72 0.10 -18.70 20.21
N LEU A 73 -0.29 -19.95 20.45
CA LEU A 73 -1.18 -20.67 19.55
C LEU A 73 -0.73 -20.61 18.09
N TYR A 74 0.57 -20.82 17.86
CA TYR A 74 1.16 -20.40 16.59
C TYR A 74 1.91 -21.55 15.92
N LEU A 75 1.50 -21.89 14.70
CA LEU A 75 2.08 -23.04 14.04
C LEU A 75 3.56 -22.78 13.78
N VAL A 76 4.43 -23.65 14.29
CA VAL A 76 5.86 -23.48 14.10
C VAL A 76 6.37 -24.35 12.97
N GLY A 77 5.84 -25.56 12.87
CA GLY A 77 6.23 -26.47 11.82
C GLY A 77 5.32 -27.68 11.74
N PHE A 78 5.69 -28.67 10.94
CA PHE A 78 4.90 -29.89 10.80
C PHE A 78 5.79 -31.07 10.44
N ARG A 79 5.35 -32.26 10.80
CA ARG A 79 6.06 -33.49 10.54
C ARG A 79 5.37 -34.29 9.44
N THR A 80 6.16 -34.83 8.51
CA THR A 80 5.64 -35.65 7.41
C THR A 80 5.62 -37.14 7.80
N PRO A 81 4.86 -37.96 7.04
CA PRO A 81 4.79 -39.39 7.33
C PRO A 81 6.19 -40.01 7.38
N GLY A 82 7.08 -39.49 6.53
CA GLY A 82 8.44 -40.01 6.51
C GLY A 82 9.25 -39.58 7.73
N GLY A 83 8.61 -38.88 8.64
CA GLY A 83 9.29 -38.43 9.85
C GLY A 83 10.15 -37.20 9.70
N VAL A 84 9.93 -36.43 8.64
CA VAL A 84 10.71 -35.22 8.43
C VAL A 84 10.01 -33.97 8.97
N TRP A 85 10.70 -33.22 9.81
CA TRP A 85 10.12 -32.00 10.39
C TRP A 85 10.53 -30.78 9.55
N TRP A 86 9.55 -29.96 9.20
CA TRP A 86 9.80 -28.73 8.45
C TRP A 86 9.38 -27.58 9.36
N GLU A 87 10.24 -26.57 9.48
CA GLU A 87 9.97 -25.41 10.35
C GLU A 87 9.99 -24.07 9.60
N PHE A 88 9.04 -23.22 9.95
CA PHE A 88 8.96 -21.89 9.39
C PHE A 88 10.26 -21.16 9.72
N GLY A 89 10.82 -20.46 8.75
CA GLY A 89 12.07 -19.74 8.98
C GLY A 89 13.08 -20.06 7.91
N LYS A 90 14.36 -19.80 8.19
CA LYS A 90 15.40 -20.09 7.19
C LYS A 90 16.81 -20.22 7.78
N ASP A 91 17.75 -20.68 6.94
CA ASP A 91 19.15 -20.88 7.34
C ASP A 91 19.75 -19.74 8.13
N GLY A 92 20.18 -20.05 9.34
CA GLY A 92 20.75 -19.01 10.16
C GLY A 92 19.84 -18.69 11.33
N ASP A 93 18.59 -19.11 11.26
CA ASP A 93 17.64 -18.87 12.35
C ASP A 93 17.87 -19.97 13.38
N THR A 94 17.22 -19.86 14.53
CA THR A 94 17.36 -20.87 15.56
C THR A 94 16.16 -21.80 15.46
N HIS A 95 16.42 -23.11 15.45
CA HIS A 95 15.35 -24.07 15.36
C HIS A 95 14.69 -24.19 16.72
N LEU A 96 13.36 -24.15 16.72
CA LEU A 96 12.59 -24.30 17.96
C LEU A 96 12.24 -25.78 18.07
N LEU A 97 12.17 -26.45 16.93
CA LEU A 97 11.85 -27.87 16.88
C LEU A 97 13.07 -28.76 16.92
N GLY A 98 12.94 -29.94 17.52
CA GLY A 98 14.05 -30.87 17.58
C GLY A 98 13.89 -31.99 16.56
N ASP A 99 14.72 -33.02 16.67
CA ASP A 99 14.71 -34.16 15.76
C ASP A 99 15.20 -33.83 14.34
N ASN A 100 16.24 -33.01 14.25
CA ASN A 100 16.84 -32.62 12.98
C ASN A 100 15.84 -32.02 11.98
N PRO A 101 15.28 -30.85 12.29
CA PRO A 101 14.33 -30.18 11.41
C PRO A 101 14.98 -29.48 10.22
N ARG A 102 14.15 -29.09 9.25
CA ARG A 102 14.59 -28.39 8.05
C ARG A 102 13.78 -27.12 7.94
N TRP A 103 14.40 -26.07 7.46
CA TRP A 103 13.70 -24.80 7.30
C TRP A 103 12.86 -24.85 6.02
N LEU A 104 11.72 -24.18 6.03
CA LEU A 104 10.84 -24.12 4.86
C LEU A 104 11.33 -23.04 3.89
N GLY A 105 12.19 -22.15 4.39
CA GLY A 105 12.69 -21.07 3.57
C GLY A 105 11.79 -19.84 3.60
N PHE A 106 10.86 -19.81 4.53
CA PHE A 106 9.94 -18.69 4.66
C PHE A 106 9.27 -18.75 6.02
N GLY A 107 8.87 -17.59 6.53
CA GLY A 107 8.22 -17.51 7.82
C GLY A 107 6.76 -17.90 7.76
N GLY A 108 6.16 -17.98 8.93
CA GLY A 108 4.75 -18.34 9.08
C GLY A 108 3.89 -17.24 9.66
N ARG A 109 3.95 -16.06 9.05
CA ARG A 109 2.96 -15.01 9.29
C ARG A 109 2.09 -14.78 8.06
N TYR A 110 1.00 -14.06 8.25
CA TYR A 110 0.09 -13.73 7.15
C TYR A 110 0.76 -12.79 6.15
N GLN A 111 1.86 -12.15 6.57
CA GLN A 111 2.80 -11.55 5.64
C GLN A 111 3.40 -12.58 4.67
N ASP A 112 4.19 -13.50 5.23
CA ASP A 112 4.98 -14.47 4.48
C ASP A 112 4.18 -15.53 3.72
N LEU A 113 2.95 -15.76 4.14
CA LEU A 113 2.15 -16.80 3.50
C LEU A 113 1.27 -16.31 2.36
N ILE A 114 0.76 -15.09 2.47
CA ILE A 114 -0.13 -14.59 1.44
C ILE A 114 0.08 -13.13 1.07
N GLY A 115 1.15 -12.54 1.57
CA GLY A 115 1.42 -11.16 1.24
C GLY A 115 0.44 -10.22 1.89
N ASN A 116 -0.06 -9.27 1.11
CA ASN A 116 -1.00 -8.28 1.62
C ASN A 116 -2.44 -8.68 1.39
N LYS A 117 -2.66 -9.91 0.95
CA LYS A 117 -4.01 -10.39 0.71
C LYS A 117 -4.80 -10.49 2.00
N GLY A 118 -6.13 -10.48 1.89
CA GLY A 118 -6.96 -10.59 3.07
C GLY A 118 -7.26 -12.05 3.38
N LEU A 119 -7.52 -12.34 4.64
CA LEU A 119 -7.81 -13.69 5.06
C LEU A 119 -9.07 -14.24 4.39
N GLU A 120 -9.90 -13.33 3.89
CA GLU A 120 -11.13 -13.73 3.21
C GLU A 120 -10.81 -14.53 1.95
N THR A 121 -9.60 -14.36 1.42
CA THR A 121 -9.18 -15.05 0.19
C THR A 121 -8.84 -16.53 0.39
N VAL A 122 -8.55 -16.89 1.63
CA VAL A 122 -8.20 -18.28 1.94
C VAL A 122 -9.47 -19.12 2.05
N THR A 123 -9.57 -20.13 1.20
CA THR A 123 -10.71 -21.04 1.18
C THR A 123 -10.42 -22.17 2.14
N MET A 124 -11.42 -22.56 2.92
CA MET A 124 -11.22 -23.62 3.90
C MET A 124 -12.27 -24.71 3.83
N GLY A 125 -12.17 -25.66 4.75
CA GLY A 125 -13.10 -26.77 4.80
C GLY A 125 -12.45 -28.15 4.73
N ARG A 126 -13.27 -29.15 5.03
CA ARG A 126 -12.85 -30.55 5.03
C ARG A 126 -12.04 -30.95 3.78
N ALA A 127 -12.48 -30.53 2.61
CA ALA A 127 -11.79 -30.88 1.37
C ALA A 127 -10.44 -30.17 1.31
N GLU A 128 -10.45 -28.86 1.58
CA GLU A 128 -9.23 -28.08 1.61
C GLU A 128 -8.24 -28.70 2.60
N MET A 129 -8.73 -29.02 3.80
CA MET A 129 -7.89 -29.64 4.82
C MET A 129 -7.31 -30.95 4.34
N THR A 130 -8.14 -31.75 3.66
CA THR A 130 -7.70 -33.04 3.13
C THR A 130 -6.61 -32.83 2.07
N ARG A 131 -6.87 -31.93 1.13
CA ARG A 131 -5.89 -31.65 0.09
C ARG A 131 -4.58 -31.13 0.69
N ALA A 132 -4.68 -30.21 1.64
CA ALA A 132 -3.48 -29.65 2.28
C ALA A 132 -2.61 -30.69 2.97
N VAL A 133 -3.24 -31.55 3.77
CA VAL A 133 -2.52 -32.60 4.47
C VAL A 133 -1.78 -33.54 3.52
N ASN A 134 -2.52 -34.06 2.53
CA ASN A 134 -1.92 -34.99 1.57
C ASN A 134 -0.75 -34.37 0.84
N ASP A 135 -0.89 -33.11 0.46
CA ASP A 135 0.17 -32.42 -0.24
C ASP A 135 1.37 -32.15 0.66
N LEU A 136 1.13 -31.61 1.85
CA LEU A 136 2.22 -31.33 2.77
C LEU A 136 2.95 -32.61 3.19
N ALA A 137 2.23 -33.73 3.14
CA ALA A 137 2.80 -35.02 3.50
C ALA A 137 3.81 -35.55 2.48
N LYS A 138 3.66 -35.14 1.23
CA LYS A 138 4.55 -35.60 0.15
C LYS A 138 5.64 -34.57 -0.14
N LYS A 139 6.03 -33.85 0.91
CA LYS A 139 7.06 -32.80 0.81
C LYS A 139 8.49 -33.30 1.05
N LYS A 140 9.35 -33.09 0.07
CA LYS A 140 10.72 -33.55 0.18
C LYS A 140 11.74 -32.46 -0.16
N LYS A 141 11.26 -31.34 -0.69
CA LYS A 141 12.13 -30.24 -1.11
C LYS A 141 12.13 -29.04 -0.15
N MET A 142 13.18 -28.23 -0.24
CA MET A 142 13.54 -27.33 0.85
C MET A 142 12.91 -25.95 0.67
N LEU A 143 11.64 -25.81 0.83
CA LEU A 143 10.73 -24.72 0.51
C LEU A 143 11.01 -24.13 -0.86
N GLU A 144 11.45 -24.97 -1.79
CA GLU A 144 12.47 -24.59 -2.76
C GLU A 144 11.94 -24.66 -4.19
N PRO A 145 11.38 -25.81 -4.55
CA PRO A 145 10.35 -25.87 -5.58
C PRO A 145 9.57 -24.56 -5.70
N GLN A 146 8.39 -24.52 -5.12
CA GLN A 146 7.78 -23.25 -4.73
C GLN A 146 6.54 -23.47 -3.86
N ALA A 147 5.96 -22.39 -3.36
CA ALA A 147 4.99 -22.46 -2.28
C ALA A 147 3.57 -22.22 -2.79
N ASP A 148 3.01 -23.24 -3.44
CA ASP A 148 1.65 -23.66 -3.18
C ASP A 148 1.59 -24.37 -1.83
N THR A 149 2.75 -24.53 -1.23
CA THR A 149 2.86 -25.10 0.10
C THR A 149 2.58 -23.99 1.10
N LYS A 150 2.76 -22.75 0.69
CA LYS A 150 2.47 -21.61 1.55
C LYS A 150 0.95 -21.57 1.63
N SER A 151 0.33 -21.83 0.48
CA SER A 151 -1.13 -21.82 0.36
C SER A 151 -1.78 -22.93 1.19
N LYS A 152 -1.15 -24.10 1.23
CA LYS A 152 -1.67 -25.22 2.00
C LYS A 152 -1.47 -24.97 3.50
N LEU A 153 -0.40 -24.24 3.82
CA LEU A 153 -0.08 -23.93 5.20
C LEU A 153 -0.97 -22.86 5.80
N VAL A 154 -1.36 -21.89 5.01
CA VAL A 154 -2.19 -20.82 5.51
C VAL A 154 -3.62 -21.27 5.83
N LYS A 155 -4.07 -22.31 5.13
CA LYS A 155 -5.42 -22.86 5.30
C LYS A 155 -5.48 -23.62 6.62
N LEU A 156 -4.42 -24.35 6.92
CA LEU A 156 -4.34 -25.13 8.14
C LEU A 156 -4.19 -24.18 9.32
N VAL A 157 -3.39 -23.14 9.10
CA VAL A 157 -3.13 -22.11 10.09
C VAL A 157 -4.44 -21.46 10.56
N VAL A 158 -5.28 -21.11 9.61
CA VAL A 158 -6.56 -20.48 9.92
C VAL A 158 -7.63 -21.43 10.49
N MET A 159 -7.68 -22.63 9.93
CA MET A 159 -8.63 -23.64 10.37
C MET A 159 -8.28 -24.18 11.75
N VAL A 160 -6.99 -24.43 11.97
CA VAL A 160 -6.54 -24.92 13.27
C VAL A 160 -6.15 -23.83 14.27
N CYS A 161 -5.08 -23.10 13.99
CA CYS A 161 -4.64 -22.06 14.93
C CYS A 161 -5.68 -20.98 15.22
N GLU A 162 -6.24 -20.36 14.20
CA GLU A 162 -7.21 -19.31 14.44
C GLU A 162 -8.53 -19.89 14.98
N GLY A 163 -8.86 -21.11 14.58
CA GLY A 163 -10.08 -21.74 15.05
C GLY A 163 -9.98 -21.94 16.56
N LEU A 164 -8.82 -22.38 17.02
CA LEU A 164 -8.63 -22.57 18.47
C LEU A 164 -8.70 -21.24 19.21
N ARG A 165 -8.22 -20.17 18.59
CA ARG A 165 -8.20 -18.85 19.21
C ARG A 165 -9.51 -18.06 19.21
N PHE A 166 -10.30 -18.17 18.14
CA PHE A 166 -11.52 -17.39 18.02
C PHE A 166 -12.79 -18.20 17.91
N ASN A 167 -13.81 -17.81 18.67
CA ASN A 167 -15.13 -18.42 18.56
C ASN A 167 -15.83 -18.01 17.26
N THR A 168 -15.43 -16.86 16.73
CA THR A 168 -15.85 -16.42 15.40
C THR A 168 -15.39 -17.36 14.28
N VAL A 169 -14.10 -17.70 14.27
CA VAL A 169 -13.55 -18.58 13.25
C VAL A 169 -14.06 -20.01 13.38
N SER A 170 -14.02 -20.54 14.60
CA SER A 170 -14.45 -21.92 14.84
C SER A 170 -15.91 -22.17 14.42
N ARG A 171 -16.81 -21.21 14.65
CA ARG A 171 -18.20 -21.38 14.26
C ARG A 171 -18.39 -21.21 12.75
N THR A 172 -17.69 -20.25 12.17
CA THR A 172 -17.77 -20.05 10.74
C THR A 172 -17.30 -21.31 10.03
N VAL A 173 -16.08 -21.73 10.34
CA VAL A 173 -15.50 -22.91 9.71
C VAL A 173 -16.35 -24.17 9.85
N ASP A 174 -16.74 -24.48 11.08
CA ASP A 174 -17.56 -25.65 11.38
C ASP A 174 -18.87 -25.63 10.58
N ALA A 175 -19.58 -24.50 10.62
CA ALA A 175 -20.84 -24.37 9.90
C ALA A 175 -20.71 -24.64 8.40
N GLY A 176 -19.53 -24.45 7.84
CA GLY A 176 -19.36 -24.70 6.43
C GLY A 176 -18.34 -25.78 6.14
N PHE A 177 -18.04 -26.61 7.14
CA PHE A 177 -17.02 -27.64 6.97
C PHE A 177 -17.21 -28.67 5.88
N ASN A 178 -18.45 -29.09 5.64
CA ASN A 178 -18.71 -30.10 4.60
C ASN A 178 -19.33 -29.57 3.32
N SER A 179 -19.26 -28.27 3.10
CA SER A 179 -19.83 -27.67 1.92
C SER A 179 -18.99 -27.89 0.67
N GLN A 180 -19.67 -27.83 -0.47
CA GLN A 180 -19.04 -27.98 -1.77
C GLN A 180 -18.20 -26.75 -2.14
N HIS A 181 -18.71 -25.57 -1.80
CA HIS A 181 -18.03 -24.31 -2.11
C HIS A 181 -17.00 -23.93 -1.05
N GLY A 182 -16.73 -24.84 -0.12
CA GLY A 182 -15.77 -24.54 0.93
C GLY A 182 -16.36 -23.45 1.82
N VAL A 183 -15.52 -22.84 2.65
CA VAL A 183 -15.97 -21.78 3.57
C VAL A 183 -14.84 -20.79 3.81
N THR A 184 -15.19 -19.50 3.90
CA THR A 184 -14.20 -18.46 4.12
C THR A 184 -14.72 -17.43 5.12
N LEU A 185 -13.80 -16.61 5.63
CA LEU A 185 -14.14 -15.59 6.61
C LEU A 185 -14.53 -14.28 5.93
N THR A 186 -15.30 -13.49 6.64
CA THR A 186 -15.73 -12.21 6.14
C THR A 186 -14.54 -11.28 6.26
N VAL A 187 -14.62 -10.12 5.60
CA VAL A 187 -13.54 -9.16 5.65
C VAL A 187 -13.35 -8.66 7.08
N THR A 188 -14.45 -8.48 7.80
CA THR A 188 -14.38 -7.98 9.17
C THR A 188 -13.74 -9.04 10.08
N GLN A 189 -14.19 -10.29 9.95
CA GLN A 189 -13.65 -11.39 10.74
C GLN A 189 -12.13 -11.48 10.53
N GLY A 190 -11.71 -11.35 9.28
CA GLY A 190 -10.30 -11.42 8.97
C GLY A 190 -9.48 -10.32 9.64
N LYS A 191 -10.06 -9.14 9.75
CA LYS A 191 -9.32 -8.06 10.39
C LYS A 191 -9.19 -8.32 11.88
N GLN A 192 -10.24 -8.91 12.45
CA GLN A 192 -10.21 -9.21 13.86
C GLN A 192 -9.17 -10.31 14.07
N VAL A 193 -9.26 -11.37 13.28
CA VAL A 193 -8.29 -12.48 13.36
C VAL A 193 -6.82 -12.01 13.29
N GLN A 194 -6.49 -11.13 12.36
CA GLN A 194 -5.13 -10.63 12.27
C GLN A 194 -4.77 -9.72 13.45
N LYS A 195 -5.74 -9.48 14.33
CA LYS A 195 -5.56 -8.62 15.50
C LYS A 195 -5.62 -9.35 16.83
N TRP A 196 -5.60 -10.68 16.79
CA TRP A 196 -5.70 -11.44 18.03
C TRP A 196 -4.92 -10.88 19.24
N ASP A 197 -3.64 -10.57 19.04
CA ASP A 197 -2.82 -10.06 20.15
C ASP A 197 -3.35 -8.72 20.64
N ARG A 198 -3.83 -7.90 19.72
CA ARG A 198 -4.40 -6.62 20.09
C ARG A 198 -5.71 -6.82 20.88
N ILE A 199 -6.61 -7.68 20.39
CA ILE A 199 -7.85 -7.92 21.10
C ILE A 199 -7.45 -8.47 22.46
N SER A 200 -6.39 -9.26 22.48
CA SER A 200 -5.91 -9.84 23.72
C SER A 200 -5.41 -8.79 24.71
N LYS A 201 -4.72 -7.76 24.24
CA LYS A 201 -4.24 -6.71 25.15
C LYS A 201 -5.45 -5.96 25.67
N ALA A 202 -6.48 -5.86 24.83
CA ALA A 202 -7.70 -5.18 25.20
C ALA A 202 -8.35 -5.93 26.36
N ALA A 203 -8.36 -7.26 26.28
CA ALA A 203 -8.92 -8.10 27.34
C ALA A 203 -8.31 -7.71 28.67
N PHE A 204 -6.98 -7.66 28.75
CA PHE A 204 -6.31 -7.30 29.99
C PHE A 204 -6.73 -5.92 30.46
N GLU A 205 -6.74 -5.00 29.51
CA GLU A 205 -7.10 -3.62 29.73
C GLU A 205 -8.53 -3.51 30.26
N TRP A 206 -9.42 -4.32 29.71
CA TRP A 206 -10.79 -4.28 30.16
C TRP A 206 -10.94 -4.98 31.51
N ALA A 207 -9.86 -5.61 31.97
CA ALA A 207 -9.90 -6.26 33.26
C ALA A 207 -9.58 -5.17 34.27
N ASP A 208 -8.59 -4.35 33.93
CA ASP A 208 -8.17 -3.24 34.77
C ASP A 208 -9.30 -2.24 34.93
N HIS A 209 -9.88 -1.86 33.80
CA HIS A 209 -10.95 -0.87 33.74
C HIS A 209 -12.04 -1.40 32.82
N PRO A 210 -13.10 -1.98 33.38
CA PRO A 210 -14.20 -2.53 32.57
C PRO A 210 -14.86 -1.51 31.66
N THR A 211 -14.90 -0.26 32.07
CA THR A 211 -15.55 0.77 31.28
C THR A 211 -14.72 1.40 30.16
N ALA A 212 -13.40 1.31 30.29
CA ALA A 212 -12.49 1.88 29.30
C ALA A 212 -12.96 1.84 27.85
N VAL A 213 -12.67 2.91 27.10
CA VAL A 213 -13.04 2.98 25.69
C VAL A 213 -11.75 2.67 24.92
N ILE A 214 -11.83 1.71 23.99
CA ILE A 214 -10.65 1.33 23.22
C ILE A 214 -10.87 1.37 21.71
N PRO A 215 -10.55 2.51 21.08
CA PRO A 215 -10.71 2.68 19.64
C PRO A 215 -10.11 1.56 18.76
N ASP A 216 -9.07 0.89 19.24
CA ASP A 216 -8.47 -0.19 18.46
C ASP A 216 -9.49 -1.33 18.38
N MET A 217 -10.46 -1.30 19.27
CA MET A 217 -11.51 -2.30 19.30
C MET A 217 -12.73 -1.79 18.56
N GLN A 218 -13.08 -0.54 18.79
CA GLN A 218 -14.23 0.08 18.13
C GLN A 218 -14.02 -0.06 16.62
N LYS A 219 -12.83 0.29 16.17
CA LYS A 219 -12.51 0.22 14.75
C LYS A 219 -12.62 -1.18 14.14
N LEU A 220 -12.56 -2.21 14.96
CA LEU A 220 -12.67 -3.57 14.46
C LEU A 220 -14.10 -4.09 14.58
N GLY A 221 -14.98 -3.27 15.14
CA GLY A 221 -16.36 -3.67 15.30
C GLY A 221 -16.61 -4.39 16.61
N ILE A 222 -15.70 -4.20 17.57
CA ILE A 222 -15.80 -4.82 18.88
C ILE A 222 -16.09 -3.70 19.90
N LYS A 223 -17.36 -3.55 20.27
CA LYS A 223 -17.77 -2.50 21.19
C LYS A 223 -17.15 -2.47 22.57
N ASP A 224 -17.18 -3.59 23.26
CA ASP A 224 -16.64 -3.65 24.61
C ASP A 224 -16.12 -5.03 24.98
N LYS A 225 -15.88 -5.24 26.27
CA LYS A 225 -15.35 -6.51 26.74
C LYS A 225 -16.32 -7.67 26.58
N ASN A 226 -17.62 -7.38 26.60
CA ASN A 226 -18.60 -8.44 26.44
C ASN A 226 -18.55 -8.96 24.99
N GLU A 227 -18.36 -8.03 24.05
CA GLU A 227 -18.30 -8.38 22.63
C GLU A 227 -17.01 -9.12 22.30
N ALA A 228 -15.91 -8.69 22.92
CA ALA A 228 -14.63 -9.32 22.70
C ALA A 228 -14.65 -10.72 23.28
N ALA A 229 -15.34 -10.87 24.42
CA ALA A 229 -15.41 -12.15 25.09
C ALA A 229 -16.08 -13.22 24.23
N ARG A 230 -16.99 -12.83 23.34
CA ARG A 230 -17.62 -13.84 22.50
C ARG A 230 -16.84 -14.13 21.22
N ILE A 231 -15.97 -13.19 20.80
CA ILE A 231 -15.19 -13.42 19.59
C ILE A 231 -13.95 -14.28 19.89
N VAL A 232 -13.11 -13.83 20.80
CA VAL A 232 -11.90 -14.59 21.13
C VAL A 232 -12.14 -15.62 22.23
N ALA A 233 -11.80 -16.87 21.94
CA ALA A 233 -11.96 -17.95 22.90
C ALA A 233 -10.81 -17.99 23.90
N LEU A 234 -9.58 -17.84 23.41
CA LEU A 234 -8.40 -17.88 24.27
C LEU A 234 -7.53 -16.65 24.07
N VAL A 235 -7.17 -16.01 25.19
CA VAL A 235 -6.35 -14.81 25.12
C VAL A 235 -4.86 -14.98 25.40
N LYS A 236 -4.12 -14.21 24.65
CA LYS A 236 -2.68 -14.16 24.72
C LYS A 236 -2.28 -13.36 25.93
N ASN A 237 -1.39 -13.95 26.73
CA ASN A 237 -0.91 -13.34 27.92
C ASN A 237 -0.11 -12.10 27.57
N GLN A 238 -0.24 -11.08 28.42
CA GLN A 238 0.13 -9.72 28.05
C GLN A 238 1.16 -9.14 29.01
N MET B 1 13.79 2.55 -19.73
CA MET B 1 14.12 1.14 -19.76
C MET B 1 13.58 0.47 -21.03
N LYS B 2 12.29 0.65 -21.27
CA LYS B 2 11.74 0.53 -22.62
C LYS B 2 10.50 1.39 -22.79
N PHE B 3 10.71 2.65 -23.17
CA PHE B 3 9.61 3.50 -23.62
C PHE B 3 9.01 2.99 -24.92
N THR B 4 7.74 2.60 -24.88
CA THR B 4 7.07 2.07 -26.03
C THR B 4 6.57 3.17 -26.96
N GLU B 5 6.28 2.77 -28.19
CA GLU B 5 5.78 3.67 -29.22
C GLU B 5 4.45 4.25 -28.79
N ILE B 6 4.31 5.56 -28.98
CA ILE B 6 3.10 6.28 -28.60
C ILE B 6 1.80 5.77 -29.23
N PHE B 7 0.75 5.76 -28.44
CA PHE B 7 -0.53 5.40 -29.01
C PHE B 7 -1.26 6.71 -29.22
N PRO B 8 -1.60 7.00 -30.47
CA PRO B 8 -2.26 8.25 -30.82
C PRO B 8 -3.77 8.14 -30.72
N VAL B 9 -4.30 8.12 -29.51
CA VAL B 9 -5.65 7.62 -29.26
C VAL B 9 -6.61 8.06 -30.36
N GLU B 10 -6.85 9.36 -30.43
CA GLU B 10 -7.97 9.92 -31.22
C GLU B 10 -7.79 9.75 -32.72
N ASP B 11 -6.59 9.34 -33.14
CA ASP B 11 -6.30 9.14 -34.54
C ASP B 11 -6.78 7.75 -34.98
N ALA B 12 -7.91 7.71 -35.67
CA ALA B 12 -8.51 6.46 -36.13
C ALA B 12 -7.67 5.69 -37.14
N ASN B 13 -6.59 6.29 -37.62
CA ASN B 13 -5.75 5.59 -38.58
C ASN B 13 -4.79 4.61 -37.89
N TYR B 14 -4.52 4.84 -36.60
CA TYR B 14 -3.64 3.98 -35.82
C TYR B 14 -4.53 2.96 -35.10
N PRO B 15 -4.45 1.69 -35.51
CA PRO B 15 -5.27 0.64 -34.88
C PRO B 15 -4.76 0.20 -33.51
N TYR B 16 -5.68 -0.35 -32.73
CA TYR B 16 -5.36 -0.81 -31.39
C TYR B 16 -4.47 -2.04 -31.47
N SER B 17 -4.73 -2.89 -32.46
CA SER B 17 -3.95 -4.11 -32.64
C SER B 17 -2.49 -3.88 -32.98
N ALA B 18 -2.16 -2.71 -33.51
CA ALA B 18 -0.77 -2.39 -33.85
C ALA B 18 0.00 -1.99 -32.59
N PHE B 19 -0.71 -1.29 -31.71
CA PHE B 19 -0.14 -0.84 -30.44
C PHE B 19 0.16 -2.04 -29.55
N ILE B 20 -0.80 -2.94 -29.42
CA ILE B 20 -0.64 -4.14 -28.62
C ILE B 20 0.51 -4.98 -29.17
N ALA B 21 0.52 -5.14 -30.49
CA ALA B 21 1.55 -5.94 -31.16
C ALA B 21 2.94 -5.35 -30.95
N SER B 22 3.04 -4.04 -31.10
CA SER B 22 4.31 -3.35 -30.93
C SER B 22 4.82 -3.53 -29.51
N VAL B 23 3.93 -3.32 -28.54
CA VAL B 23 4.31 -3.47 -27.14
C VAL B 23 4.60 -4.92 -26.79
N ARG B 24 3.93 -5.85 -27.47
CA ARG B 24 4.18 -7.25 -27.18
C ARG B 24 5.61 -7.56 -27.58
N LYS B 25 5.99 -7.08 -28.76
CA LYS B 25 7.34 -7.28 -29.29
C LYS B 25 8.36 -6.87 -28.22
N ASP B 26 8.28 -5.62 -27.80
CA ASP B 26 9.19 -5.08 -26.81
C ASP B 26 9.27 -5.93 -25.55
N VAL B 27 8.11 -6.21 -24.96
CA VAL B 27 8.06 -7.03 -23.74
C VAL B 27 8.70 -8.39 -23.98
N ILE B 28 8.23 -9.10 -25.02
CA ILE B 28 8.77 -10.41 -25.34
C ILE B 28 10.29 -10.43 -25.37
N LYS B 29 10.89 -9.30 -25.72
CA LYS B 29 12.35 -9.21 -25.77
C LYS B 29 12.95 -9.56 -24.41
N HIS B 30 12.17 -9.38 -23.35
CA HIS B 30 12.65 -9.68 -22.01
C HIS B 30 12.04 -10.94 -21.43
N CYS B 31 11.57 -11.84 -22.30
CA CYS B 31 10.95 -13.09 -21.86
C CYS B 31 11.77 -14.35 -22.17
N THR B 32 11.86 -15.25 -21.20
CA THR B 32 12.60 -16.50 -21.37
C THR B 32 11.75 -17.56 -22.04
N ASP B 33 12.41 -18.55 -22.63
CA ASP B 33 11.74 -19.63 -23.33
C ASP B 33 11.69 -20.89 -22.49
N HIS B 34 10.56 -21.15 -21.86
CA HIS B 34 10.39 -22.34 -21.05
C HIS B 34 9.85 -23.44 -21.96
N LYS B 35 10.35 -24.65 -21.76
CA LYS B 35 9.93 -25.77 -22.58
C LYS B 35 8.55 -26.27 -22.15
N GLY B 36 7.76 -26.72 -23.11
CA GLY B 36 6.42 -27.21 -22.81
C GLY B 36 5.39 -26.10 -22.70
N ILE B 37 5.86 -24.85 -22.63
CA ILE B 37 4.99 -23.69 -22.54
C ILE B 37 4.99 -22.93 -23.86
N PHE B 38 3.85 -22.89 -24.54
CA PHE B 38 3.75 -22.19 -25.81
C PHE B 38 4.07 -20.70 -25.74
N GLN B 39 3.54 -20.02 -24.73
CA GLN B 39 3.73 -18.58 -24.56
C GLN B 39 5.06 -18.13 -23.95
N PRO B 40 5.55 -16.95 -24.35
CA PRO B 40 6.80 -16.46 -23.77
C PRO B 40 6.52 -16.29 -22.27
N VAL B 41 7.51 -16.57 -21.44
CA VAL B 41 7.31 -16.40 -20.02
C VAL B 41 7.95 -15.08 -19.59
N LEU B 42 7.18 -14.27 -18.88
CA LEU B 42 7.66 -12.98 -18.42
C LEU B 42 8.78 -13.07 -17.39
N PRO B 43 9.47 -11.95 -17.11
CA PRO B 43 10.57 -11.88 -16.15
C PRO B 43 10.06 -12.21 -14.76
N PRO B 44 10.87 -12.90 -13.95
CA PRO B 44 10.48 -13.28 -12.59
C PRO B 44 10.18 -12.08 -11.70
N GLU B 45 9.13 -12.21 -10.90
CA GLU B 45 8.68 -11.17 -10.01
C GLU B 45 9.68 -10.86 -8.89
N LYS B 46 9.88 -9.59 -8.63
CA LYS B 46 10.79 -9.16 -7.57
C LYS B 46 10.04 -8.13 -6.75
N LYS B 47 10.52 -7.88 -5.55
CA LYS B 47 9.87 -6.94 -4.63
C LYS B 47 9.89 -5.53 -5.18
N VAL B 48 10.97 -5.20 -5.88
CA VAL B 48 11.09 -3.89 -6.52
C VAL B 48 11.47 -4.03 -7.99
N PRO B 49 10.48 -4.27 -8.84
CA PRO B 49 10.73 -4.61 -10.25
C PRO B 49 11.88 -3.84 -10.85
N GLU B 50 12.57 -4.50 -11.77
CA GLU B 50 13.75 -3.93 -12.41
C GLU B 50 13.50 -3.67 -13.89
N LEU B 51 12.42 -4.21 -14.42
CA LEU B 51 12.07 -4.03 -15.83
C LEU B 51 10.72 -3.34 -15.95
N TRP B 52 10.68 -2.22 -16.67
CA TRP B 52 9.44 -1.46 -16.84
C TRP B 52 9.00 -1.23 -18.28
N LEU B 53 7.77 -0.79 -18.41
CA LEU B 53 7.18 -0.51 -19.72
C LEU B 53 6.38 0.80 -19.69
N TYR B 54 6.98 1.84 -20.25
CA TYR B 54 6.43 3.18 -20.17
C TYR B 54 5.77 3.43 -21.50
N THR B 55 4.44 3.38 -21.52
CA THR B 55 3.69 3.60 -22.74
C THR B 55 2.92 4.90 -22.66
N GLU B 56 3.10 5.75 -23.65
CA GLU B 56 2.40 7.01 -23.64
C GLU B 56 1.16 6.97 -24.52
N LEU B 57 0.03 7.37 -23.96
CA LEU B 57 -1.23 7.40 -24.69
C LEU B 57 -1.50 8.87 -24.97
N LYS B 58 -1.57 9.20 -26.26
CA LYS B 58 -1.74 10.56 -26.74
C LYS B 58 -3.06 10.92 -27.45
N THR B 59 -3.84 11.81 -26.84
CA THR B 59 -5.06 12.31 -27.48
C THR B 59 -4.96 13.80 -27.75
N ARG B 60 -5.51 14.24 -28.89
CA ARG B 60 -5.12 15.51 -29.47
C ARG B 60 -5.05 16.60 -28.41
N THR B 61 -5.83 16.41 -27.36
CA THR B 61 -5.89 17.36 -26.25
C THR B 61 -4.72 17.23 -25.29
N SER B 62 -4.71 16.13 -24.54
CA SER B 62 -3.66 15.86 -23.56
C SER B 62 -3.11 14.44 -23.72
N SER B 63 -2.40 13.96 -22.70
CA SER B 63 -1.84 12.62 -22.73
C SER B 63 -1.29 12.23 -21.37
N ILE B 64 -1.03 10.95 -21.19
CA ILE B 64 -0.48 10.47 -19.93
C ILE B 64 0.54 9.40 -20.29
N THR B 65 1.39 9.04 -19.34
CA THR B 65 2.40 8.01 -19.55
C THR B 65 2.19 6.93 -18.49
N LEU B 66 1.89 5.72 -18.96
CA LEU B 66 1.65 4.59 -18.10
C LEU B 66 2.93 3.95 -17.60
N ALA B 67 2.90 3.49 -16.35
CA ALA B 67 4.03 2.80 -15.75
C ALA B 67 3.66 1.36 -15.40
N ILE B 68 4.13 0.43 -16.22
CA ILE B 68 3.71 -0.96 -16.14
C ILE B 68 4.88 -1.88 -15.87
N ARG B 69 4.88 -2.50 -14.69
CA ARG B 69 5.96 -3.43 -14.35
C ARG B 69 5.80 -4.69 -15.22
N MET B 70 6.86 -5.00 -15.97
CA MET B 70 6.87 -6.18 -16.84
C MET B 70 6.42 -7.41 -16.05
N ASP B 71 7.25 -7.84 -15.12
CA ASP B 71 7.10 -9.20 -14.57
C ASP B 71 5.65 -9.68 -14.63
N ASN B 72 4.73 -8.86 -14.13
CA ASN B 72 3.31 -9.21 -14.13
C ASN B 72 2.46 -8.18 -14.87
N LEU B 73 3.08 -7.49 -15.82
CA LEU B 73 2.35 -6.60 -16.73
C LEU B 73 1.25 -5.76 -16.07
N TYR B 74 1.57 -5.18 -14.93
CA TYR B 74 0.55 -4.63 -14.03
C TYR B 74 0.73 -3.16 -13.71
N LEU B 75 -0.30 -2.36 -13.97
CA LEU B 75 -0.18 -0.91 -13.92
C LEU B 75 0.14 -0.41 -12.52
N VAL B 76 1.32 0.17 -12.35
CA VAL B 76 1.76 0.70 -11.06
C VAL B 76 1.19 2.10 -10.84
N GLY B 77 1.31 2.95 -11.87
CA GLY B 77 0.80 4.31 -11.78
C GLY B 77 0.81 4.99 -13.13
N PHE B 78 0.82 6.32 -13.15
CA PHE B 78 0.84 7.06 -14.42
C PHE B 78 1.29 8.49 -14.23
N ARG B 79 1.82 9.07 -15.31
CA ARG B 79 2.33 10.44 -15.29
C ARG B 79 1.44 11.41 -16.07
N THR B 80 1.08 12.51 -15.43
CA THR B 80 0.27 13.55 -16.04
C THR B 80 1.21 14.39 -16.89
N PRO B 81 0.68 15.25 -17.77
CA PRO B 81 1.52 16.09 -18.63
C PRO B 81 2.25 17.19 -17.87
N GLY B 82 1.93 17.34 -16.59
CA GLY B 82 2.60 18.36 -15.79
C GLY B 82 3.79 17.78 -15.04
N GLY B 83 4.07 16.50 -15.31
CA GLY B 83 5.18 15.83 -14.64
C GLY B 83 4.80 15.18 -13.33
N VAL B 84 3.51 14.99 -13.07
CA VAL B 84 3.11 14.36 -11.82
C VAL B 84 2.84 12.86 -11.95
N TRP B 85 3.42 12.10 -11.04
CA TRP B 85 3.22 10.65 -11.04
C TRP B 85 2.24 10.26 -9.93
N TRP B 86 1.28 9.41 -10.30
CA TRP B 86 0.30 8.91 -9.36
C TRP B 86 0.52 7.41 -9.35
N GLU B 87 0.78 6.86 -8.16
CA GLU B 87 1.04 5.43 -8.00
C GLU B 87 0.00 4.76 -7.11
N PHE B 88 -0.56 3.66 -7.61
CA PHE B 88 -1.56 2.91 -6.87
C PHE B 88 -1.11 2.62 -5.44
N GLY B 89 -2.00 2.87 -4.48
CA GLY B 89 -1.67 2.63 -3.08
C GLY B 89 -1.97 3.82 -2.20
N LYS B 90 -1.48 3.78 -0.96
CA LYS B 90 -1.71 4.87 0.00
C LYS B 90 -0.46 5.15 0.83
N ASP B 91 -0.57 6.14 1.71
CA ASP B 91 0.54 6.52 2.59
C ASP B 91 0.86 5.35 3.51
N GLY B 92 2.15 5.03 3.61
CA GLY B 92 2.58 3.93 4.46
C GLY B 92 3.23 2.87 3.60
N ASP B 93 2.70 2.71 2.39
CA ASP B 93 3.20 1.74 1.42
C ASP B 93 4.52 2.20 0.80
N THR B 94 5.22 1.29 0.15
CA THR B 94 6.50 1.62 -0.48
C THR B 94 6.36 1.97 -1.96
N HIS B 95 6.83 3.16 -2.32
CA HIS B 95 6.77 3.59 -3.71
C HIS B 95 7.68 2.76 -4.60
N LEU B 96 7.21 2.42 -5.80
CA LEU B 96 8.02 1.66 -6.74
C LEU B 96 8.52 2.61 -7.78
N LEU B 97 7.79 3.71 -7.94
CA LEU B 97 8.12 4.73 -8.94
C LEU B 97 9.07 5.80 -8.44
N GLY B 98 9.80 6.40 -9.38
CA GLY B 98 10.74 7.44 -9.03
C GLY B 98 10.15 8.79 -9.31
N ASP B 99 10.96 9.83 -9.16
CA ASP B 99 10.51 11.21 -9.41
C ASP B 99 9.36 11.71 -8.52
N ASN B 100 9.54 11.59 -7.21
CA ASN B 100 8.56 12.05 -6.22
C ASN B 100 7.11 11.73 -6.56
N PRO B 101 6.73 10.45 -6.49
CA PRO B 101 5.37 9.99 -6.79
C PRO B 101 4.36 10.25 -5.67
N ARG B 102 3.13 10.58 -6.06
CA ARG B 102 2.06 10.85 -5.12
C ARG B 102 1.07 9.69 -5.12
N TRP B 103 0.74 9.19 -3.93
CA TRP B 103 -0.20 8.09 -3.81
C TRP B 103 -1.58 8.49 -4.34
N LEU B 104 -2.29 7.50 -4.86
CA LEU B 104 -3.63 7.68 -5.40
C LEU B 104 -4.68 7.53 -4.32
N GLY B 105 -4.34 6.77 -3.28
CA GLY B 105 -5.26 6.55 -2.18
C GLY B 105 -6.05 5.25 -2.30
N PHE B 106 -5.78 4.48 -3.36
CA PHE B 106 -6.46 3.22 -3.57
C PHE B 106 -5.61 2.31 -4.45
N GLY B 107 -5.74 1.01 -4.22
CA GLY B 107 -4.97 0.00 -4.94
C GLY B 107 -5.32 -0.23 -6.39
N GLY B 108 -4.44 -0.95 -7.09
CA GLY B 108 -4.66 -1.23 -8.51
C GLY B 108 -5.02 -2.67 -8.80
N ARG B 109 -5.82 -3.27 -7.92
CA ARG B 109 -6.55 -4.51 -8.21
C ARG B 109 -7.98 -4.17 -8.67
N TYR B 110 -8.67 -5.17 -9.23
CA TYR B 110 -10.05 -4.98 -9.70
C TYR B 110 -11.00 -4.71 -8.53
N GLN B 111 -10.67 -5.33 -7.40
CA GLN B 111 -11.44 -5.20 -6.17
C GLN B 111 -11.58 -3.74 -5.80
N ASP B 112 -10.49 -3.01 -5.93
CA ASP B 112 -10.44 -1.61 -5.57
C ASP B 112 -11.06 -0.64 -6.57
N LEU B 113 -10.92 -0.94 -7.86
CA LEU B 113 -11.47 -0.03 -8.85
C LEU B 113 -12.95 -0.30 -9.16
N ILE B 114 -13.37 -1.56 -9.08
CA ILE B 114 -14.78 -1.88 -9.36
C ILE B 114 -15.46 -2.74 -8.30
N GLY B 115 -14.83 -2.89 -7.13
CA GLY B 115 -15.42 -3.68 -6.07
C GLY B 115 -15.64 -5.10 -6.49
N ASN B 116 -16.89 -5.56 -6.52
CA ASN B 116 -17.17 -6.92 -6.94
C ASN B 116 -17.95 -6.96 -8.24
N LYS B 117 -17.81 -5.90 -9.03
CA LYS B 117 -18.46 -5.83 -10.33
C LYS B 117 -17.69 -6.69 -11.31
N GLY B 118 -18.37 -7.19 -12.34
CA GLY B 118 -17.70 -8.02 -13.33
C GLY B 118 -16.99 -7.14 -14.35
N LEU B 119 -16.01 -7.68 -15.05
CA LEU B 119 -15.29 -6.88 -16.05
C LEU B 119 -16.15 -6.54 -17.27
N GLU B 120 -17.22 -7.29 -17.48
CA GLU B 120 -18.08 -7.01 -18.62
C GLU B 120 -18.81 -5.68 -18.43
N THR B 121 -18.85 -5.17 -17.19
CA THR B 121 -19.51 -3.90 -16.91
C THR B 121 -18.57 -2.73 -17.16
N VAL B 122 -17.44 -3.00 -17.78
CA VAL B 122 -16.45 -1.95 -18.09
C VAL B 122 -16.44 -1.62 -19.58
N THR B 123 -16.99 -0.47 -19.93
CA THR B 123 -17.05 -0.08 -21.33
C THR B 123 -15.66 0.33 -21.81
N MET B 124 -15.27 -0.17 -22.98
CA MET B 124 -13.96 0.16 -23.52
C MET B 124 -14.09 0.67 -24.95
N GLY B 125 -12.98 1.09 -25.54
CA GLY B 125 -12.98 1.59 -26.90
C GLY B 125 -12.16 2.86 -27.08
N ARG B 126 -11.92 3.24 -28.33
CA ARG B 126 -11.15 4.43 -28.61
C ARG B 126 -11.74 5.65 -27.89
N ALA B 127 -13.06 5.80 -27.96
CA ALA B 127 -13.71 6.92 -27.32
C ALA B 127 -13.49 6.87 -25.81
N GLU B 128 -13.71 5.70 -25.21
CA GLU B 128 -13.51 5.50 -23.77
C GLU B 128 -12.06 5.76 -23.31
N MET B 129 -11.09 5.36 -24.14
CA MET B 129 -9.68 5.54 -23.81
C MET B 129 -9.33 7.03 -23.81
N THR B 130 -9.81 7.74 -24.84
CA THR B 130 -9.58 9.17 -25.00
C THR B 130 -10.06 9.91 -23.76
N ARG B 131 -11.32 9.72 -23.43
CA ARG B 131 -11.90 10.36 -22.26
C ARG B 131 -11.11 9.98 -21.01
N ALA B 132 -10.63 8.74 -20.97
CA ALA B 132 -9.85 8.25 -19.84
C ALA B 132 -8.53 8.99 -19.68
N VAL B 133 -7.83 9.20 -20.79
CA VAL B 133 -6.55 9.91 -20.72
C VAL B 133 -6.77 11.37 -20.36
N ASN B 134 -7.54 12.07 -21.20
CA ASN B 134 -7.83 13.48 -20.99
C ASN B 134 -8.19 13.77 -19.54
N ASP B 135 -9.09 12.96 -18.99
CA ASP B 135 -9.49 13.16 -17.61
C ASP B 135 -8.32 12.86 -16.68
N LEU B 136 -7.71 11.69 -16.86
CA LEU B 136 -6.58 11.31 -16.01
C LEU B 136 -5.43 12.31 -16.07
N ALA B 137 -5.20 12.89 -17.25
CA ALA B 137 -4.13 13.85 -17.41
C ALA B 137 -4.35 15.11 -16.56
N LYS B 138 -5.60 15.36 -16.18
CA LYS B 138 -5.93 16.55 -15.39
C LYS B 138 -5.68 16.44 -13.90
N LYS B 139 -5.92 15.27 -13.31
CA LYS B 139 -5.74 15.08 -11.87
C LYS B 139 -4.55 15.82 -11.27
N LYS B 140 -4.84 16.71 -10.32
CA LYS B 140 -3.82 17.50 -9.63
C LYS B 140 -3.66 17.16 -8.15
N LYS B 141 -4.62 16.46 -7.56
CA LYS B 141 -4.51 15.98 -6.18
C LYS B 141 -5.58 14.95 -5.84
N MET B 142 -5.49 14.39 -4.64
CA MET B 142 -6.46 13.40 -4.16
C MET B 142 -5.82 12.21 -3.45
N GLN B 146 -10.59 7.02 -3.48
CA GLN B 146 -12.03 6.96 -3.20
C GLN B 146 -12.77 7.98 -4.04
N ALA B 147 -12.29 8.18 -5.27
CA ALA B 147 -12.89 9.14 -6.18
C ALA B 147 -13.39 8.53 -7.49
N ASP B 148 -13.53 9.39 -8.49
CA ASP B 148 -14.00 9.01 -9.83
C ASP B 148 -12.88 8.56 -10.75
N THR B 149 -11.68 8.49 -10.21
CA THR B 149 -10.51 8.09 -10.99
C THR B 149 -10.36 6.58 -11.07
N LYS B 150 -11.26 5.87 -10.39
CA LYS B 150 -11.21 4.42 -10.40
C LYS B 150 -11.77 3.91 -11.72
N SER B 151 -12.88 4.51 -12.14
CA SER B 151 -13.55 4.16 -13.38
C SER B 151 -12.64 4.29 -14.58
N LYS B 152 -12.03 5.46 -14.73
CA LYS B 152 -11.15 5.73 -15.85
C LYS B 152 -9.91 4.85 -15.84
N LEU B 153 -9.42 4.49 -14.65
CA LEU B 153 -8.23 3.66 -14.59
C LEU B 153 -8.52 2.20 -14.92
N VAL B 154 -9.69 1.70 -14.55
CA VAL B 154 -9.99 0.30 -14.86
C VAL B 154 -10.21 0.07 -16.34
N LYS B 155 -10.52 1.13 -17.08
CA LYS B 155 -10.74 1.00 -18.52
C LYS B 155 -9.40 0.82 -19.25
N LEU B 156 -8.41 1.59 -18.83
CA LEU B 156 -7.08 1.52 -19.43
C LEU B 156 -6.40 0.21 -19.05
N VAL B 157 -6.60 -0.20 -17.80
CA VAL B 157 -6.00 -1.43 -17.30
C VAL B 157 -6.44 -2.65 -18.09
N VAL B 158 -7.71 -2.68 -18.51
CA VAL B 158 -8.23 -3.80 -19.27
C VAL B 158 -7.78 -3.74 -20.70
N MET B 159 -7.81 -2.54 -21.28
CA MET B 159 -7.42 -2.33 -22.68
C MET B 159 -5.92 -2.44 -22.94
N VAL B 160 -5.11 -2.15 -21.94
CA VAL B 160 -3.67 -2.21 -22.12
C VAL B 160 -3.06 -3.44 -21.43
N CYS B 161 -3.23 -3.51 -20.12
CA CYS B 161 -2.65 -4.61 -19.36
C CYS B 161 -3.16 -5.98 -19.77
N GLU B 162 -4.45 -6.20 -19.61
CA GLU B 162 -5.04 -7.49 -19.98
C GLU B 162 -4.91 -7.70 -21.51
N GLY B 163 -4.89 -6.60 -22.26
CA GLY B 163 -4.77 -6.67 -23.70
C GLY B 163 -3.44 -7.29 -24.08
N LEU B 164 -2.38 -6.88 -23.38
CA LEU B 164 -1.04 -7.40 -23.61
C LEU B 164 -0.96 -8.87 -23.21
N ARG B 165 -1.62 -9.21 -22.09
CA ARG B 165 -1.63 -10.57 -21.54
C ARG B 165 -2.42 -11.60 -22.33
N PHE B 166 -3.67 -11.23 -22.63
CA PHE B 166 -4.63 -12.08 -23.32
C PHE B 166 -4.86 -11.67 -24.76
N ASN B 167 -4.77 -12.62 -25.69
CA ASN B 167 -5.03 -12.24 -27.06
C ASN B 167 -6.51 -12.37 -27.31
N THR B 168 -7.24 -12.66 -26.23
CA THR B 168 -8.69 -12.78 -26.28
C THR B 168 -9.25 -11.37 -26.08
N VAL B 169 -8.60 -10.61 -25.21
CA VAL B 169 -8.96 -9.23 -24.88
C VAL B 169 -8.55 -8.29 -26.00
N SER B 170 -7.40 -8.54 -26.61
CA SER B 170 -6.91 -7.71 -27.70
C SER B 170 -7.78 -7.89 -28.94
N ARG B 171 -8.07 -9.15 -29.29
CA ARG B 171 -8.90 -9.42 -30.45
C ARG B 171 -10.27 -8.78 -30.24
N THR B 172 -10.88 -9.06 -29.08
CA THR B 172 -12.18 -8.51 -28.76
C THR B 172 -12.20 -6.99 -28.79
N VAL B 173 -11.23 -6.37 -28.13
CA VAL B 173 -11.19 -4.90 -28.08
C VAL B 173 -10.87 -4.25 -29.42
N ASP B 174 -9.90 -4.81 -30.14
CA ASP B 174 -9.50 -4.29 -31.44
C ASP B 174 -10.67 -4.25 -32.39
N ALA B 175 -11.45 -5.32 -32.39
CA ALA B 175 -12.61 -5.44 -33.26
C ALA B 175 -13.62 -4.30 -33.09
N GLY B 176 -14.13 -4.13 -31.88
CA GLY B 176 -15.11 -3.09 -31.63
C GLY B 176 -14.50 -1.82 -31.07
N PHE B 177 -13.29 -1.52 -31.51
CA PHE B 177 -12.58 -0.35 -31.01
C PHE B 177 -13.20 0.97 -31.45
N ASN B 178 -13.50 1.08 -32.75
CA ASN B 178 -14.07 2.29 -33.31
C ASN B 178 -15.58 2.38 -33.26
N SER B 179 -16.24 1.27 -32.95
CA SER B 179 -17.70 1.22 -32.86
C SER B 179 -18.24 2.36 -31.97
N GLN B 180 -19.33 2.97 -32.43
CA GLN B 180 -19.95 4.08 -31.71
C GLN B 180 -20.57 3.66 -30.39
N HIS B 181 -20.67 2.37 -30.14
CA HIS B 181 -21.29 1.89 -28.91
C HIS B 181 -20.32 1.34 -27.87
N GLY B 182 -19.05 1.21 -28.27
CA GLY B 182 -18.06 0.69 -27.35
C GLY B 182 -17.88 -0.80 -27.56
N VAL B 183 -17.21 -1.44 -26.60
CA VAL B 183 -16.94 -2.86 -26.68
C VAL B 183 -16.66 -3.36 -25.27
N THR B 184 -17.13 -4.55 -24.95
CA THR B 184 -16.91 -5.15 -23.64
C THR B 184 -16.56 -6.63 -23.78
N LEU B 185 -16.02 -7.20 -22.71
CA LEU B 185 -15.69 -8.61 -22.74
C LEU B 185 -16.93 -9.38 -22.33
N THR B 186 -16.96 -10.67 -22.65
CA THR B 186 -18.10 -11.49 -22.26
C THR B 186 -17.84 -11.91 -20.82
N VAL B 187 -18.89 -12.22 -20.08
CA VAL B 187 -18.75 -12.63 -18.68
C VAL B 187 -17.67 -13.69 -18.52
N THR B 188 -17.58 -14.58 -19.49
CA THR B 188 -16.59 -15.64 -19.46
C THR B 188 -15.18 -15.11 -19.66
N GLN B 189 -14.99 -14.23 -20.63
CA GLN B 189 -13.70 -13.63 -20.90
C GLN B 189 -13.26 -12.92 -19.63
N GLY B 190 -14.22 -12.20 -19.04
CA GLY B 190 -13.94 -11.45 -17.84
C GLY B 190 -13.47 -12.31 -16.70
N LYS B 191 -14.15 -13.42 -16.46
CA LYS B 191 -13.74 -14.27 -15.37
C LYS B 191 -12.41 -14.98 -15.68
N GLN B 192 -12.07 -15.08 -16.95
CA GLN B 192 -10.82 -15.71 -17.34
C GLN B 192 -9.70 -14.72 -17.05
N VAL B 193 -9.87 -13.53 -17.59
CA VAL B 193 -8.93 -12.45 -17.39
C VAL B 193 -8.61 -12.24 -15.92
N GLN B 194 -9.61 -12.37 -15.05
CA GLN B 194 -9.36 -12.19 -13.62
C GLN B 194 -8.56 -13.36 -13.01
N LYS B 195 -8.30 -14.36 -13.83
CA LYS B 195 -7.58 -15.55 -13.40
C LYS B 195 -6.26 -15.71 -14.14
N TRP B 196 -5.63 -14.60 -14.51
CA TRP B 196 -4.38 -14.70 -15.26
C TRP B 196 -3.32 -15.52 -14.53
N ASP B 197 -3.17 -15.28 -13.23
CA ASP B 197 -2.20 -16.03 -12.41
C ASP B 197 -2.42 -17.52 -12.52
N ARG B 198 -3.67 -17.91 -12.30
CA ARG B 198 -4.03 -19.31 -12.32
C ARG B 198 -3.87 -19.96 -13.69
N ILE B 199 -4.15 -19.23 -14.77
CA ILE B 199 -4.00 -19.81 -16.10
C ILE B 199 -2.50 -19.93 -16.36
N SER B 200 -1.73 -18.98 -15.82
CA SER B 200 -0.29 -19.00 -15.97
C SER B 200 0.30 -20.16 -15.17
N LYS B 201 -0.33 -20.52 -14.06
CA LYS B 201 0.16 -21.65 -13.29
C LYS B 201 -0.20 -22.89 -14.08
N ALA B 202 -1.44 -22.98 -14.55
CA ALA B 202 -1.89 -24.12 -15.32
C ALA B 202 -0.95 -24.38 -16.48
N ALA B 203 -0.32 -23.33 -16.96
CA ALA B 203 0.63 -23.47 -18.06
C ALA B 203 1.82 -24.27 -17.57
N PHE B 204 2.41 -23.84 -16.46
CA PHE B 204 3.56 -24.54 -15.90
C PHE B 204 3.16 -25.93 -15.44
N GLU B 205 1.87 -26.21 -15.51
CA GLU B 205 1.37 -27.52 -15.13
C GLU B 205 1.30 -28.36 -16.40
N TRP B 206 0.62 -27.84 -17.42
CA TRP B 206 0.54 -28.56 -18.68
C TRP B 206 1.91 -28.75 -19.31
N ALA B 207 2.91 -28.09 -18.74
CA ALA B 207 4.27 -28.19 -19.23
C ALA B 207 4.73 -29.63 -19.01
N ASP B 208 4.37 -30.18 -17.85
CA ASP B 208 4.72 -31.53 -17.47
C ASP B 208 3.73 -32.55 -18.04
N HIS B 209 2.45 -32.39 -17.72
CA HIS B 209 1.42 -33.29 -18.22
C HIS B 209 0.51 -32.55 -19.21
N PRO B 210 0.93 -32.48 -20.49
CA PRO B 210 0.18 -31.81 -21.56
C PRO B 210 -1.19 -32.42 -21.80
N THR B 211 -1.42 -33.52 -21.11
CA THR B 211 -2.64 -34.31 -21.23
C THR B 211 -3.60 -34.06 -20.06
N ALA B 212 -3.06 -33.48 -19.00
CA ALA B 212 -3.83 -33.21 -17.80
C ALA B 212 -5.14 -32.50 -18.01
N VAL B 213 -5.97 -32.50 -16.97
CA VAL B 213 -7.27 -31.85 -17.03
C VAL B 213 -7.64 -31.22 -15.69
N ILE B 214 -7.27 -29.95 -15.52
CA ILE B 214 -7.20 -29.34 -14.21
C ILE B 214 -8.50 -28.62 -13.86
N PRO B 215 -9.10 -29.01 -12.74
CA PRO B 215 -10.42 -28.50 -12.36
C PRO B 215 -10.54 -27.00 -12.42
N ASP B 216 -9.51 -26.29 -11.99
CA ASP B 216 -9.54 -24.85 -12.02
C ASP B 216 -9.58 -24.27 -13.42
N MET B 217 -9.11 -25.03 -14.40
CA MET B 217 -9.14 -24.62 -15.79
C MET B 217 -10.51 -24.86 -16.41
N GLN B 218 -11.11 -26.02 -16.11
CA GLN B 218 -12.41 -26.35 -16.66
C GLN B 218 -13.49 -25.43 -16.06
N LYS B 219 -13.23 -24.87 -14.89
CA LYS B 219 -14.19 -23.96 -14.26
C LYS B 219 -14.26 -22.60 -14.97
N LEU B 220 -13.26 -22.33 -15.80
CA LEU B 220 -13.25 -21.10 -16.59
C LEU B 220 -13.81 -21.34 -17.98
N GLY B 221 -13.68 -22.57 -18.46
CA GLY B 221 -14.04 -22.88 -19.84
C GLY B 221 -12.81 -23.15 -20.71
N ILE B 222 -11.73 -23.54 -20.04
CA ILE B 222 -10.42 -23.82 -20.67
C ILE B 222 -10.03 -25.29 -20.53
N LYS B 223 -10.29 -26.10 -21.53
CA LYS B 223 -9.94 -27.51 -21.40
C LYS B 223 -8.46 -27.89 -21.46
N ASP B 224 -7.78 -27.63 -22.58
CA ASP B 224 -6.38 -28.00 -22.66
C ASP B 224 -5.40 -26.84 -22.83
N LYS B 225 -4.11 -27.13 -22.62
CA LYS B 225 -3.07 -26.12 -22.77
C LYS B 225 -3.22 -25.43 -24.12
N ASN B 226 -3.92 -26.10 -25.03
CA ASN B 226 -4.16 -25.54 -26.35
C ASN B 226 -5.15 -24.38 -26.25
N GLU B 227 -6.28 -24.62 -25.58
CA GLU B 227 -7.27 -23.57 -25.39
C GLU B 227 -6.56 -22.41 -24.69
N ALA B 228 -5.82 -22.76 -23.65
CA ALA B 228 -5.05 -21.79 -22.89
C ALA B 228 -4.11 -20.94 -23.75
N ALA B 229 -3.44 -21.56 -24.71
CA ALA B 229 -2.50 -20.81 -25.55
C ALA B 229 -3.27 -19.85 -26.44
N ARG B 230 -4.48 -20.27 -26.78
CA ARG B 230 -5.38 -19.51 -27.63
C ARG B 230 -5.89 -18.28 -26.88
N ILE B 231 -6.02 -18.41 -25.57
CA ILE B 231 -6.52 -17.33 -24.72
C ILE B 231 -5.42 -16.40 -24.20
N VAL B 232 -4.40 -16.99 -23.59
CA VAL B 232 -3.32 -16.22 -23.00
C VAL B 232 -2.08 -16.12 -23.88
N ALA B 233 -1.65 -14.88 -24.14
CA ALA B 233 -0.46 -14.65 -24.96
C ALA B 233 0.81 -14.56 -24.12
N LEU B 234 0.73 -13.91 -22.96
CA LEU B 234 1.90 -13.80 -22.08
C LEU B 234 1.65 -14.41 -20.70
N VAL B 235 2.46 -15.38 -20.30
CA VAL B 235 2.25 -16.02 -19.00
C VAL B 235 3.15 -15.54 -17.86
N LYS B 236 2.54 -15.37 -16.70
CA LYS B 236 3.25 -14.94 -15.52
C LYS B 236 4.19 -16.05 -15.07
N ASN B 237 5.34 -15.64 -14.54
CA ASN B 237 6.34 -16.57 -14.07
C ASN B 237 5.94 -17.15 -12.75
N GLN B 238 6.24 -18.43 -12.54
CA GLN B 238 5.83 -19.06 -11.29
C GLN B 238 6.98 -19.59 -10.43
N LYS C 2 -5.68 39.30 5.19
CA LYS C 2 -4.21 39.04 5.29
C LYS C 2 -3.64 39.56 6.62
N PHE C 3 -2.33 39.45 6.77
CA PHE C 3 -1.62 39.89 7.96
C PHE C 3 -0.18 40.18 7.56
N THR C 4 0.22 41.46 7.65
CA THR C 4 1.55 41.87 7.25
C THR C 4 2.59 41.92 8.36
N GLU C 5 3.62 41.08 8.26
CA GLU C 5 4.69 41.01 9.26
C GLU C 5 6.01 41.38 8.57
N ILE C 6 6.96 41.94 9.34
CA ILE C 6 8.24 42.36 8.77
C ILE C 6 9.46 41.80 9.50
N PHE C 7 10.49 41.42 8.75
CA PHE C 7 11.70 40.83 9.32
C PHE C 7 13.03 41.46 8.87
N PRO C 8 13.54 42.37 9.71
CA PRO C 8 14.85 42.98 9.46
C PRO C 8 15.92 41.93 9.17
N VAL C 9 16.01 41.49 7.92
CA VAL C 9 16.90 40.41 7.56
C VAL C 9 18.18 40.60 8.34
N GLU C 10 18.90 41.68 8.05
CA GLU C 10 20.32 41.68 8.37
C GLU C 10 20.55 41.84 9.87
N ASP C 11 19.77 42.72 10.49
CA ASP C 11 19.97 43.08 11.89
C ASP C 11 20.27 41.81 12.67
N TYR C 16 15.23 35.53 13.52
CA TYR C 16 14.48 34.41 12.95
C TYR C 16 13.50 33.85 13.96
N SER C 17 14.04 33.31 15.06
CA SER C 17 13.23 32.72 16.11
C SER C 17 12.10 33.67 16.55
N ALA C 18 12.44 34.94 16.76
CA ALA C 18 11.44 35.91 17.17
C ALA C 18 10.45 36.13 16.02
N PHE C 19 10.96 36.04 14.80
CA PHE C 19 10.16 36.21 13.59
C PHE C 19 9.12 35.10 13.47
N ILE C 20 9.59 33.86 13.63
CA ILE C 20 8.73 32.70 13.56
C ILE C 20 7.64 32.79 14.61
N ALA C 21 8.07 32.97 15.86
CA ALA C 21 7.13 33.08 16.98
C ALA C 21 6.07 34.12 16.65
N SER C 22 6.52 35.30 16.29
CA SER C 22 5.62 36.40 15.94
C SER C 22 4.64 35.96 14.87
N VAL C 23 5.15 35.51 13.73
CA VAL C 23 4.29 35.08 12.63
C VAL C 23 3.33 33.97 13.09
N ARG C 24 3.85 33.01 13.84
CA ARG C 24 3.00 31.92 14.31
C ARG C 24 1.89 32.50 15.17
N LYS C 25 2.27 33.34 16.13
CA LYS C 25 1.33 33.96 17.04
C LYS C 25 0.07 34.50 16.34
N ASP C 26 0.24 35.00 15.12
CA ASP C 26 -0.86 35.58 14.36
C ASP C 26 -1.58 34.56 13.49
N VAL C 27 -0.85 33.54 13.05
CA VAL C 27 -1.43 32.49 12.24
C VAL C 27 -2.40 31.72 13.15
N ILE C 28 -1.90 31.36 14.33
CA ILE C 28 -2.72 30.64 15.31
C ILE C 28 -4.01 31.40 15.61
N LYS C 29 -4.03 32.69 15.26
CA LYS C 29 -5.21 33.52 15.50
C LYS C 29 -6.39 33.17 14.60
N HIS C 30 -6.26 32.09 13.84
CA HIS C 30 -7.33 31.66 12.96
C HIS C 30 -7.39 30.14 12.96
N CYS C 31 -6.60 29.54 13.85
CA CYS C 31 -6.64 28.09 14.04
C CYS C 31 -7.75 27.69 15.00
N THR C 32 -8.10 26.40 14.99
CA THR C 32 -9.22 25.91 15.77
C THR C 32 -8.95 24.51 16.32
N ASP C 33 -8.57 24.45 17.59
CA ASP C 33 -8.02 23.23 18.17
C ASP C 33 -8.92 22.03 17.85
N HIS C 34 -8.31 20.85 17.72
CA HIS C 34 -9.05 19.62 17.55
C HIS C 34 -8.75 18.62 18.67
N LYS C 35 -9.80 18.09 19.27
CA LYS C 35 -9.65 17.18 20.42
C LYS C 35 -8.69 16.04 20.11
N GLY C 36 -7.54 16.05 20.78
CA GLY C 36 -6.54 15.02 20.56
C GLY C 36 -5.28 15.60 19.92
N ILE C 37 -5.46 16.60 19.08
CA ILE C 37 -4.34 17.25 18.40
C ILE C 37 -3.62 18.20 19.36
N PHE C 38 -2.39 17.88 19.69
CA PHE C 38 -1.60 18.70 20.60
C PHE C 38 -1.12 19.99 19.94
N GLN C 39 -1.44 20.18 18.66
CA GLN C 39 -1.02 21.38 17.96
C GLN C 39 -2.22 22.10 17.37
N PRO C 40 -2.12 23.43 17.24
CA PRO C 40 -3.22 24.22 16.68
C PRO C 40 -3.52 23.66 15.28
N VAL C 41 -4.79 23.65 14.90
CA VAL C 41 -5.16 23.14 13.59
C VAL C 41 -5.51 24.27 12.64
N LEU C 42 -4.72 24.38 11.57
CA LEU C 42 -4.90 25.42 10.56
C LEU C 42 -6.26 25.42 9.88
N PRO C 43 -6.68 26.59 9.36
CA PRO C 43 -7.96 26.74 8.67
C PRO C 43 -8.03 25.68 7.57
N PRO C 44 -9.24 25.15 7.29
CA PRO C 44 -9.35 24.12 6.25
C PRO C 44 -8.93 24.61 4.87
N GLU C 45 -8.40 23.69 4.05
CA GLU C 45 -7.95 24.01 2.70
C GLU C 45 -9.05 24.56 1.79
N LYS C 47 -9.77 25.99 -1.69
CA LYS C 47 -9.48 26.18 -3.10
C LYS C 47 -9.00 27.64 -3.31
N VAL C 48 -9.81 28.62 -2.91
CA VAL C 48 -9.47 30.03 -3.07
C VAL C 48 -9.20 30.68 -1.72
N PRO C 49 -8.04 30.36 -1.15
CA PRO C 49 -7.61 30.93 0.13
C PRO C 49 -8.71 31.76 0.77
N GLU C 50 -8.77 31.72 2.11
CA GLU C 50 -9.47 32.75 2.85
C GLU C 50 -8.51 33.73 3.51
N LEU C 51 -7.39 33.22 4.05
CA LEU C 51 -6.47 34.07 4.80
C LEU C 51 -5.03 33.91 4.32
N TRP C 52 -4.38 35.05 4.12
CA TRP C 52 -3.02 35.07 3.59
C TRP C 52 -2.06 35.69 4.59
N LEU C 53 -0.78 35.36 4.44
CA LEU C 53 0.24 35.76 5.37
C LEU C 53 1.31 36.43 4.55
N TYR C 54 1.26 37.75 4.43
CA TYR C 54 2.25 38.47 3.65
C TYR C 54 3.45 38.84 4.53
N THR C 55 4.55 38.12 4.38
CA THR C 55 5.74 38.39 5.15
C THR C 55 6.78 39.10 4.29
N GLU C 56 7.31 40.20 4.80
CA GLU C 56 8.30 40.99 4.07
C GLU C 56 9.72 40.81 4.60
N LEU C 57 10.60 40.30 3.74
CA LEU C 57 12.00 40.10 4.10
C LEU C 57 12.79 41.24 3.44
N LYS C 58 13.08 42.28 4.24
CA LYS C 58 13.79 43.47 3.76
C LYS C 58 15.24 43.62 4.23
N THR C 59 16.17 43.54 3.29
CA THR C 59 17.61 43.68 3.59
C THR C 59 18.09 45.12 3.63
N ARG C 60 19.41 45.30 3.70
CA ARG C 60 19.99 46.63 3.72
C ARG C 60 19.91 47.20 2.30
N THR C 61 19.85 46.29 1.33
CA THR C 61 19.77 46.66 -0.08
C THR C 61 18.32 46.67 -0.56
N SER C 62 17.78 45.48 -0.78
CA SER C 62 16.41 45.34 -1.27
C SER C 62 15.53 44.48 -0.38
N SER C 63 14.33 44.14 -0.86
CA SER C 63 13.38 43.33 -0.12
C SER C 63 12.30 42.71 -1.02
N ILE C 64 11.61 41.70 -0.50
CA ILE C 64 10.53 41.05 -1.24
C ILE C 64 9.37 40.77 -0.28
N THR C 65 8.17 40.56 -0.84
CA THR C 65 7.01 40.25 -0.03
C THR C 65 6.44 38.87 -0.37
N LEU C 66 6.62 37.91 0.54
CA LEU C 66 6.13 36.54 0.34
C LEU C 66 4.64 36.38 0.59
N ALA C 67 3.93 35.84 -0.39
CA ALA C 67 2.50 35.59 -0.29
C ALA C 67 2.31 34.12 0.14
N ILE C 68 1.83 33.93 1.37
CA ILE C 68 1.63 32.59 1.93
C ILE C 68 0.16 32.25 2.30
N ARG C 69 -0.38 31.27 1.58
CA ARG C 69 -1.57 30.55 2.01
C ARG C 69 -1.43 30.08 3.46
N MET C 70 -2.47 30.33 4.25
CA MET C 70 -2.52 29.87 5.62
C MET C 70 -2.90 28.43 5.82
N ASP C 71 -3.79 27.90 4.99
CA ASP C 71 -4.45 26.62 5.24
C ASP C 71 -3.45 25.46 5.12
N ASN C 72 -2.36 25.70 4.42
CA ASN C 72 -1.24 24.76 4.40
C ASN C 72 0.11 25.46 4.45
N LEU C 73 0.11 26.69 4.95
CA LEU C 73 1.34 27.49 5.07
C LEU C 73 2.31 27.46 3.87
N TYR C 74 1.73 27.34 2.69
CA TYR C 74 2.46 27.19 1.45
C TYR C 74 2.76 28.50 0.72
N LEU C 75 4.01 28.69 0.30
CA LEU C 75 4.40 29.89 -0.43
C LEU C 75 3.74 29.84 -1.81
N VAL C 76 2.95 30.85 -2.12
CA VAL C 76 2.26 30.91 -3.42
C VAL C 76 3.00 31.80 -4.42
N GLY C 77 3.67 32.83 -3.91
CA GLY C 77 4.40 33.73 -4.78
C GLY C 77 5.02 34.86 -3.98
N PHE C 78 5.76 35.74 -4.65
CA PHE C 78 6.40 36.85 -3.97
C PHE C 78 6.31 38.11 -4.80
N ARG C 79 6.54 39.25 -4.15
CA ARG C 79 6.48 40.54 -4.82
C ARG C 79 7.85 41.19 -4.81
N THR C 80 8.25 41.75 -5.95
CA THR C 80 9.55 42.42 -6.06
C THR C 80 9.39 43.90 -5.72
N PRO C 81 10.47 44.56 -5.30
CA PRO C 81 10.38 45.98 -4.96
C PRO C 81 9.69 46.78 -6.07
N GLY C 82 9.79 46.28 -7.30
CA GLY C 82 9.19 46.94 -8.44
C GLY C 82 7.68 46.84 -8.57
N GLY C 83 7.05 46.00 -7.76
CA GLY C 83 5.59 45.87 -7.83
C GLY C 83 5.14 44.68 -8.66
N VAL C 84 6.09 43.84 -9.04
CA VAL C 84 5.79 42.65 -9.82
C VAL C 84 5.52 41.46 -8.91
N TRP C 85 4.47 40.70 -9.21
CA TRP C 85 4.10 39.53 -8.43
C TRP C 85 4.39 38.25 -9.19
N TRP C 86 5.36 37.49 -8.73
CA TRP C 86 5.71 36.22 -9.36
C TRP C 86 4.96 35.14 -8.59
N GLU C 87 4.30 34.24 -9.31
CA GLU C 87 3.53 33.16 -8.69
C GLU C 87 3.83 31.78 -9.25
N PHE C 88 4.01 30.81 -8.35
CA PHE C 88 4.30 29.44 -8.73
C PHE C 88 3.28 28.90 -9.72
N GLY C 89 3.77 28.25 -10.77
CA GLY C 89 2.89 27.71 -11.79
C GLY C 89 3.36 28.03 -13.20
N LYS C 90 2.42 27.99 -14.14
CA LYS C 90 2.71 28.25 -15.54
C LYS C 90 1.42 28.57 -16.32
N ASP C 91 1.59 29.21 -17.49
CA ASP C 91 0.45 29.56 -18.34
C ASP C 91 -0.58 28.45 -18.37
N GLY C 92 -1.84 28.81 -18.17
CA GLY C 92 -2.90 27.81 -18.18
C GLY C 92 -3.45 27.52 -16.80
N ASP C 93 -2.71 27.91 -15.77
CA ASP C 93 -3.17 27.70 -14.41
C ASP C 93 -4.00 28.89 -13.96
N THR C 94 -4.62 28.78 -12.80
CA THR C 94 -5.44 29.88 -12.28
C THR C 94 -4.70 30.63 -11.18
N HIS C 95 -4.42 31.90 -11.44
CA HIS C 95 -3.72 32.70 -10.45
C HIS C 95 -4.49 32.82 -9.15
N LEU C 96 -3.79 32.66 -8.04
CA LEU C 96 -4.41 32.78 -6.74
C LEU C 96 -4.18 34.21 -6.26
N LEU C 97 -3.13 34.84 -6.77
CA LEU C 97 -2.78 36.19 -6.39
C LEU C 97 -3.44 37.22 -7.30
N GLY C 98 -3.55 38.44 -6.79
CA GLY C 98 -4.14 39.50 -7.58
C GLY C 98 -3.00 40.40 -7.99
N ASP C 99 -3.31 41.58 -8.52
CA ASP C 99 -2.28 42.52 -8.93
C ASP C 99 -1.48 42.07 -10.15
N ASN C 100 -2.19 41.55 -11.15
CA ASN C 100 -1.58 41.12 -12.41
C ASN C 100 -0.29 40.32 -12.23
N PRO C 101 -0.37 39.13 -11.62
CA PRO C 101 0.79 38.25 -11.38
C PRO C 101 1.36 37.52 -12.60
N ARG C 102 2.66 37.24 -12.54
CA ARG C 102 3.35 36.53 -13.62
C ARG C 102 3.72 35.12 -13.13
N TRP C 103 3.52 34.13 -13.98
CA TRP C 103 3.88 32.76 -13.65
C TRP C 103 5.41 32.66 -13.59
N LEU C 104 5.91 31.86 -12.66
CA LEU C 104 7.35 31.67 -12.53
C LEU C 104 7.78 30.66 -13.58
N GLY C 105 6.81 29.93 -14.11
CA GLY C 105 7.10 28.92 -15.11
C GLY C 105 7.25 27.52 -14.51
N PHE C 106 7.35 27.45 -13.18
CA PHE C 106 7.50 26.18 -12.48
C PHE C 106 6.72 26.19 -11.17
N GLY C 107 6.36 25.01 -10.68
CA GLY C 107 5.59 24.89 -9.45
C GLY C 107 6.38 25.07 -8.17
N GLY C 108 5.66 25.17 -7.05
CA GLY C 108 6.33 25.36 -5.78
C GLY C 108 6.44 24.13 -4.88
N ARG C 109 6.34 22.93 -5.43
CA ARG C 109 6.49 21.74 -4.60
C ARG C 109 7.97 21.46 -4.58
N TYR C 110 8.39 20.49 -3.78
CA TYR C 110 9.81 20.17 -3.71
C TYR C 110 10.33 19.48 -4.98
N GLN C 111 9.46 18.78 -5.71
CA GLN C 111 9.95 18.12 -6.89
C GLN C 111 10.20 19.11 -8.02
N ASP C 112 9.74 20.34 -7.81
CA ASP C 112 9.95 21.42 -8.77
C ASP C 112 11.21 22.21 -8.40
N LEU C 113 11.32 22.55 -7.11
CA LEU C 113 12.44 23.32 -6.60
C LEU C 113 13.79 22.61 -6.46
N ILE C 114 13.77 21.32 -6.11
CA ILE C 114 15.01 20.55 -5.96
C ILE C 114 14.93 19.19 -6.65
N GLY C 115 13.74 18.85 -7.14
CA GLY C 115 13.54 17.59 -7.84
C GLY C 115 13.94 16.30 -7.15
N ASN C 116 15.09 15.76 -7.53
CA ASN C 116 15.56 14.52 -6.94
C ASN C 116 16.71 14.63 -5.96
N LYS C 117 17.00 15.85 -5.50
CA LYS C 117 17.91 16.06 -4.37
C LYS C 117 17.12 16.19 -3.08
N GLY C 118 17.75 16.57 -1.99
CA GLY C 118 17.06 16.59 -0.71
C GLY C 118 17.32 17.84 0.11
N LEU C 119 16.37 18.21 0.96
CA LEU C 119 16.50 19.40 1.79
C LEU C 119 17.79 19.50 2.60
N GLU C 120 18.45 18.37 2.81
CA GLU C 120 19.70 18.38 3.55
C GLU C 120 20.78 19.03 2.70
N THR C 121 20.51 19.13 1.40
CA THR C 121 21.46 19.74 0.45
C THR C 121 21.24 21.24 0.37
N VAL C 122 20.10 21.71 0.85
CA VAL C 122 19.77 23.13 0.83
C VAL C 122 20.39 23.87 2.02
N THR C 123 21.32 24.78 1.75
CA THR C 123 21.96 25.55 2.82
C THR C 123 21.06 26.72 3.21
N MET C 124 20.94 26.97 4.51
CA MET C 124 20.11 28.08 4.96
C MET C 124 20.89 28.95 5.94
N GLY C 125 20.25 30.02 6.41
CA GLY C 125 20.91 30.91 7.35
C GLY C 125 20.64 32.36 7.03
N ARG C 126 21.05 33.25 7.92
CA ARG C 126 20.86 34.68 7.72
C ARG C 126 21.58 35.14 6.46
N ALA C 127 22.76 34.57 6.24
CA ALA C 127 23.57 34.89 5.06
C ALA C 127 22.85 34.44 3.80
N GLU C 128 22.49 33.16 3.74
CA GLU C 128 21.78 32.62 2.58
C GLU C 128 20.48 33.38 2.33
N MET C 129 19.72 33.63 3.39
CA MET C 129 18.47 34.36 3.25
C MET C 129 18.70 35.73 2.68
N THR C 130 19.83 36.32 3.05
CA THR C 130 20.17 37.65 2.58
C THR C 130 20.31 37.62 1.07
N ARG C 131 21.22 36.79 0.58
CA ARG C 131 21.45 36.67 -0.85
C ARG C 131 20.17 36.35 -1.61
N ALA C 132 19.34 35.48 -1.03
CA ALA C 132 18.09 35.08 -1.67
C ALA C 132 17.18 36.26 -2.03
N VAL C 133 16.94 37.15 -1.08
CA VAL C 133 16.07 38.32 -1.28
C VAL C 133 16.60 39.29 -2.33
N ASN C 134 17.82 39.78 -2.13
CA ASN C 134 18.46 40.72 -3.04
C ASN C 134 18.32 40.22 -4.47
N ASP C 135 18.70 38.96 -4.70
CA ASP C 135 18.61 38.36 -6.02
C ASP C 135 17.17 38.36 -6.53
N LEU C 136 16.29 37.64 -5.84
CA LEU C 136 14.89 37.54 -6.24
C LEU C 136 14.24 38.90 -6.45
N ALA C 137 14.65 39.88 -5.64
CA ALA C 137 14.12 41.23 -5.72
C ALA C 137 14.35 41.89 -7.08
N LYS C 138 15.35 41.40 -7.81
CA LYS C 138 15.71 41.93 -9.13
C LYS C 138 15.09 41.18 -10.31
N LYS C 139 14.42 40.07 -10.04
CA LYS C 139 13.81 39.26 -11.08
C LYS C 139 12.67 39.95 -11.82
N LYS C 140 12.88 40.15 -13.12
CA LYS C 140 11.85 40.77 -13.96
C LYS C 140 11.61 39.89 -15.19
N LYS C 141 12.49 38.91 -15.41
CA LYS C 141 12.34 38.01 -16.55
C LYS C 141 12.31 36.53 -16.10
N MET C 142 11.91 35.66 -17.01
CA MET C 142 11.84 34.22 -16.72
C MET C 142 12.98 33.51 -17.44
N LEU C 143 14.16 33.46 -16.82
CA LEU C 143 15.31 32.83 -17.45
C LEU C 143 15.75 31.54 -16.75
N PRO C 145 11.60 31.62 -14.82
CA PRO C 145 12.26 30.80 -13.79
C PRO C 145 13.46 30.02 -14.34
N GLN C 146 14.30 29.54 -13.43
CA GLN C 146 15.49 28.76 -13.77
C GLN C 146 16.06 28.12 -12.51
N ALA C 147 17.23 27.50 -12.64
CA ALA C 147 17.89 26.85 -11.52
C ALA C 147 18.25 27.84 -10.42
N ASP C 148 18.64 29.05 -10.81
CA ASP C 148 19.02 30.05 -9.83
C ASP C 148 17.85 30.40 -8.92
N THR C 149 16.75 30.87 -9.52
CA THR C 149 15.54 31.23 -8.77
C THR C 149 15.14 30.10 -7.82
N LYS C 150 14.96 28.91 -8.37
CA LYS C 150 14.57 27.74 -7.61
C LYS C 150 15.43 27.50 -6.38
N SER C 151 16.73 27.70 -6.55
CA SER C 151 17.68 27.51 -5.48
C SER C 151 17.48 28.53 -4.37
N LYS C 152 17.03 29.73 -4.71
CA LYS C 152 16.82 30.76 -3.71
C LYS C 152 15.47 30.61 -3.02
N LEU C 153 14.43 30.33 -3.81
CA LEU C 153 13.06 30.18 -3.28
C LEU C 153 12.91 28.93 -2.43
N VAL C 154 13.76 27.93 -2.67
CA VAL C 154 13.65 26.71 -1.90
C VAL C 154 14.25 26.98 -0.52
N LYS C 155 15.08 28.01 -0.42
CA LYS C 155 15.70 28.36 0.85
C LYS C 155 14.72 29.10 1.74
N LEU C 156 13.97 30.01 1.13
CA LEU C 156 13.00 30.81 1.86
C LEU C 156 11.78 29.97 2.27
N VAL C 157 11.46 28.96 1.47
CA VAL C 157 10.34 28.09 1.75
C VAL C 157 10.59 27.34 3.05
N VAL C 158 11.73 26.68 3.11
CA VAL C 158 12.11 25.92 4.29
C VAL C 158 12.27 26.80 5.52
N MET C 159 12.97 27.92 5.36
CA MET C 159 13.18 28.83 6.47
C MET C 159 11.91 29.52 6.94
N VAL C 160 11.06 29.99 6.03
CA VAL C 160 9.82 30.66 6.45
C VAL C 160 8.67 29.69 6.64
N CYS C 161 8.23 29.10 5.54
CA CYS C 161 7.13 28.14 5.55
C CYS C 161 7.40 27.03 6.56
N GLU C 162 8.34 26.15 6.25
CA GLU C 162 8.54 24.96 7.07
C GLU C 162 8.89 25.41 8.48
N GLY C 163 9.45 26.61 8.59
CA GLY C 163 9.80 27.14 9.89
C GLY C 163 8.53 27.35 10.69
N LEU C 164 7.49 27.86 10.02
CA LEU C 164 6.21 28.09 10.67
C LEU C 164 5.49 26.80 11.04
N ARG C 165 5.72 25.75 10.24
CA ARG C 165 5.08 24.45 10.45
C ARG C 165 5.78 23.54 11.47
N PHE C 166 7.08 23.32 11.27
CA PHE C 166 7.86 22.45 12.14
C PHE C 166 8.79 23.17 13.10
N ASN C 167 8.60 22.99 14.41
CA ASN C 167 9.53 23.63 15.33
C ASN C 167 10.82 22.83 15.29
N THR C 168 10.75 21.63 14.72
CA THR C 168 11.95 20.81 14.58
C THR C 168 12.84 21.58 13.61
N VAL C 169 12.19 22.27 12.69
CA VAL C 169 12.86 23.06 11.68
C VAL C 169 13.24 24.42 12.25
N SER C 170 12.28 25.13 12.83
CA SER C 170 12.56 26.45 13.38
C SER C 170 13.62 26.42 14.48
N ARG C 171 14.17 25.24 14.75
CA ARG C 171 15.22 25.12 15.76
C ARG C 171 16.57 25.17 15.05
N THR C 172 16.81 24.15 14.24
CA THR C 172 18.04 24.00 13.47
C THR C 172 18.50 25.26 12.77
N VAL C 173 17.56 25.99 12.17
CA VAL C 173 17.88 27.22 11.47
C VAL C 173 18.35 28.28 12.47
N ASP C 174 17.63 28.38 13.58
CA ASP C 174 17.99 29.36 14.59
C ASP C 174 19.38 29.06 15.14
N ALA C 175 19.68 27.76 15.28
CA ALA C 175 20.97 27.32 15.82
C ALA C 175 22.17 27.83 15.01
N GLY C 176 22.08 27.73 13.68
CA GLY C 176 23.17 28.18 12.83
C GLY C 176 22.72 29.22 11.82
N PHE C 177 21.74 30.02 12.22
CA PHE C 177 21.21 31.08 11.37
C PHE C 177 22.29 32.09 11.03
N ASN C 178 23.07 32.45 12.04
CA ASN C 178 24.14 33.44 11.89
C ASN C 178 25.52 32.81 11.67
N SER C 179 25.56 31.50 11.48
CA SER C 179 26.85 30.81 11.28
C SER C 179 27.45 31.11 9.91
N HIS C 181 28.86 29.10 8.18
CA HIS C 181 28.89 28.61 6.80
C HIS C 181 27.56 27.97 6.43
N GLY C 182 26.49 28.39 7.12
CA GLY C 182 25.17 27.88 6.83
C GLY C 182 24.80 26.54 7.45
N VAL C 183 23.58 26.44 7.96
CA VAL C 183 23.07 25.23 8.58
C VAL C 183 22.16 24.46 7.62
N THR C 184 22.25 23.14 7.66
CA THR C 184 21.42 22.30 6.81
C THR C 184 20.69 21.22 7.60
N LEU C 185 19.49 20.90 7.15
CA LEU C 185 18.63 19.90 7.77
C LEU C 185 19.26 18.50 7.69
N THR C 186 18.95 17.66 8.68
CA THR C 186 19.47 16.30 8.70
C THR C 186 18.71 15.58 7.60
N VAL C 187 19.13 14.36 7.25
CA VAL C 187 18.44 13.63 6.20
C VAL C 187 17.01 13.27 6.64
N THR C 188 16.87 12.73 7.85
CA THR C 188 15.54 12.37 8.38
C THR C 188 14.67 13.61 8.50
N GLN C 189 15.22 14.64 9.12
CA GLN C 189 14.53 15.89 9.33
C GLN C 189 13.90 16.35 8.01
N GLY C 190 14.65 16.24 6.91
CA GLY C 190 14.14 16.65 5.62
C GLY C 190 13.05 15.74 5.09
N LYS C 191 13.04 14.51 5.59
CA LYS C 191 12.05 13.51 5.19
C LYS C 191 10.75 13.89 5.90
N GLN C 192 10.86 14.18 7.20
CA GLN C 192 9.68 14.55 7.96
C GLN C 192 9.06 15.76 7.27
N VAL C 193 9.88 16.80 7.06
CA VAL C 193 9.42 18.04 6.43
C VAL C 193 8.62 17.86 5.14
N GLN C 194 9.03 16.91 4.31
CA GLN C 194 8.33 16.66 3.05
C GLN C 194 7.03 15.91 3.24
N LYS C 195 6.84 15.39 4.46
CA LYS C 195 5.66 14.62 4.80
C LYS C 195 4.72 15.34 5.76
N TRP C 196 4.78 16.67 5.75
CA TRP C 196 3.94 17.48 6.62
C TRP C 196 2.45 17.15 6.49
N ASP C 197 2.05 16.56 5.37
CA ASP C 197 0.65 16.21 5.19
C ASP C 197 0.30 14.86 5.80
N ARG C 198 1.21 13.91 5.67
CA ARG C 198 0.96 12.57 6.16
C ARG C 198 0.89 12.58 7.68
N ILE C 199 1.75 13.41 8.29
CA ILE C 199 1.77 13.55 9.74
C ILE C 199 0.59 14.40 10.21
N SER C 200 0.15 15.33 9.36
CA SER C 200 -0.99 16.16 9.71
C SER C 200 -2.19 15.21 9.79
N LYS C 201 -2.19 14.21 8.91
CA LYS C 201 -3.25 13.21 8.91
C LYS C 201 -3.04 12.31 10.11
N ALA C 202 -1.78 12.01 10.40
CA ALA C 202 -1.43 11.15 11.53
C ALA C 202 -1.83 11.80 12.85
N ALA C 203 -1.34 13.01 13.11
CA ALA C 203 -1.67 13.72 14.34
C ALA C 203 -3.18 13.80 14.45
N PHE C 204 -3.84 13.69 13.30
CA PHE C 204 -5.29 13.75 13.21
C PHE C 204 -5.93 12.39 13.40
N GLU C 205 -5.14 11.34 13.15
CA GLU C 205 -5.58 9.98 13.44
C GLU C 205 -4.74 9.36 14.56
N TRP C 206 -4.10 10.22 15.34
CA TRP C 206 -3.49 9.79 16.60
C TRP C 206 -4.40 10.08 17.78
N ALA C 207 -5.47 10.83 17.53
CA ALA C 207 -6.33 11.35 18.59
C ALA C 207 -7.79 10.99 18.34
N ASP C 208 -8.02 9.85 17.71
CA ASP C 208 -9.00 8.88 18.18
C ASP C 208 -8.52 7.45 17.99
N HIS C 209 -7.23 7.33 17.66
CA HIS C 209 -6.44 6.12 17.92
C HIS C 209 -5.02 6.50 18.39
N PRO C 210 -4.93 6.93 19.64
CA PRO C 210 -3.72 7.58 20.14
C PRO C 210 -2.84 6.62 20.93
N VAL C 213 -1.31 3.71 16.25
CA VAL C 213 0.09 3.41 15.99
C VAL C 213 0.33 3.12 14.51
N ILE C 214 1.24 3.86 13.89
CA ILE C 214 1.46 3.69 12.46
C ILE C 214 2.87 3.38 11.99
N PRO C 215 2.98 2.79 10.81
CA PRO C 215 4.31 2.49 10.25
C PRO C 215 4.70 3.57 9.24
N ASP C 216 3.69 4.18 8.65
CA ASP C 216 3.85 5.38 7.84
C ASP C 216 4.70 6.41 8.60
N MET C 217 4.24 6.81 9.77
CA MET C 217 4.96 7.76 10.61
C MET C 217 6.22 7.17 11.23
N GLN C 218 6.14 5.94 11.69
CA GLN C 218 7.30 5.27 12.32
C GLN C 218 8.54 5.45 11.42
N LYS C 219 8.38 5.12 10.14
CA LYS C 219 9.45 5.23 9.16
C LYS C 219 10.10 6.60 9.08
N LEU C 220 9.35 7.66 9.31
CA LEU C 220 9.90 9.01 9.23
C LEU C 220 10.64 9.44 10.50
N GLY C 221 10.60 8.61 11.53
CA GLY C 221 11.28 8.93 12.77
C GLY C 221 10.34 9.43 13.84
N ILE C 222 9.05 9.49 13.50
CA ILE C 222 8.04 9.95 14.45
C ILE C 222 7.22 8.73 14.89
N LYS C 223 7.54 8.22 16.09
CA LYS C 223 6.85 7.04 16.63
C LYS C 223 5.65 7.31 17.55
N ASP C 224 5.49 8.54 18.00
CA ASP C 224 4.35 8.86 18.88
C ASP C 224 3.97 10.33 18.82
N LYS C 225 2.75 10.64 19.28
CA LYS C 225 2.27 12.02 19.28
C LYS C 225 3.25 12.92 20.06
N ASN C 226 3.96 12.32 21.01
CA ASN C 226 4.94 13.04 21.83
C ASN C 226 6.04 13.61 20.97
N GLU C 227 6.64 12.78 20.13
CA GLU C 227 7.71 13.24 19.25
C GLU C 227 7.08 14.14 18.20
N ALA C 228 5.91 13.72 17.71
CA ALA C 228 5.17 14.47 16.71
C ALA C 228 4.78 15.81 17.30
N ALA C 229 5.16 16.01 18.55
CA ALA C 229 4.86 17.27 19.23
C ALA C 229 6.16 18.05 19.32
N ARG C 230 7.28 17.34 19.45
CA ARG C 230 8.59 17.97 19.53
C ARG C 230 9.12 18.20 18.12
N ILE C 231 8.40 17.66 17.14
CA ILE C 231 8.80 17.79 15.74
C ILE C 231 8.00 18.86 14.99
N VAL C 232 6.68 18.78 15.02
CA VAL C 232 5.84 19.75 14.32
C VAL C 232 5.24 20.78 15.27
N ALA C 233 4.64 21.84 14.71
CA ALA C 233 4.06 22.92 15.51
C ALA C 233 2.63 23.31 15.13
N LEU C 234 2.28 23.14 13.86
CA LEU C 234 0.92 23.44 13.41
C LEU C 234 0.51 22.28 12.53
N VAL C 235 -0.77 21.94 12.47
CA VAL C 235 -1.13 20.83 11.61
C VAL C 235 -2.05 21.24 10.48
N LYS C 236 -2.16 20.38 9.48
CA LYS C 236 -2.99 20.73 8.33
C LYS C 236 -4.49 20.51 8.53
N ASN C 237 -4.98 19.26 8.52
CA ASN C 237 -6.43 19.02 8.72
C ASN C 237 -6.97 17.93 7.76
#